data_6OPB
#
_entry.id   6OPB
#
_cell.length_a   154.259
_cell.length_b   154.259
_cell.length_c   58.043
_cell.angle_alpha   90.00
_cell.angle_beta   90.00
_cell.angle_gamma   120.00
#
_symmetry.space_group_name_H-M   'P 31'
#
loop_
_entity.id
_entity.type
_entity.pdbx_description
1 polymer AAEL005772-PA
2 non-polymer 'icosanoic acid'
3 non-polymer 'DIMETHYL SULFOXIDE'
4 water water
#
_entity_poly.entity_id   1
_entity_poly.type   'polypeptide(L)'
_entity_poly.pdbx_seq_one_letter_code
;MEFTVSTTEDLQRYRTECVSSLNIPADYVEKFKKWEFPEDDTTMCYIKCVFNKMQLFDDTEGPLVDNLVHQLAHGRDAEE
VRTEVLKCVDKNTDNNACHWAFRGFKCFQKNNLSLIKASIKKD
;
_entity_poly.pdbx_strand_id   E,A,B,F,C,D,G,H,I
#
loop_
_chem_comp.id
_chem_comp.type
_chem_comp.name
_chem_comp.formula
DCR non-polymer 'icosanoic acid' 'C20 H40 O2'
DMS non-polymer 'DIMETHYL SULFOXIDE' 'C2 H6 O S'
#
# COMPACT_ATOMS: atom_id res chain seq x y z
N GLU A 2 25.99 31.17 -17.98
CA GLU A 2 24.77 30.85 -17.18
C GLU A 2 24.96 31.30 -15.74
N PHE A 3 23.84 31.48 -15.03
CA PHE A 3 23.83 31.70 -13.59
C PHE A 3 23.28 30.44 -12.90
N THR A 4 23.98 29.98 -11.85
CA THR A 4 23.55 28.81 -11.10
C THR A 4 23.08 29.25 -9.71
N VAL A 5 22.28 28.38 -9.08
CA VAL A 5 21.59 28.69 -7.84
C VAL A 5 22.61 28.73 -6.70
N SER A 6 22.24 29.42 -5.61
CA SER A 6 23.04 29.46 -4.39
C SER A 6 22.39 28.58 -3.32
N THR A 7 23.24 27.90 -2.54
CA THR A 7 22.82 26.98 -1.51
C THR A 7 23.17 27.53 -0.13
N THR A 8 23.01 26.69 0.90
CA THR A 8 23.31 27.06 2.28
C THR A 8 24.80 27.37 2.43
N GLU A 9 25.65 26.62 1.71
CA GLU A 9 27.08 26.71 1.89
C GLU A 9 27.69 27.67 0.86
N ASP A 10 26.87 28.18 -0.05
CA ASP A 10 27.22 29.42 -0.75
C ASP A 10 26.99 30.57 0.23
N LEU A 11 25.78 30.58 0.83
CA LEU A 11 25.39 31.62 1.78
C LEU A 11 26.40 31.67 2.92
N GLN A 12 26.69 30.52 3.53
CA GLN A 12 27.62 30.44 4.65
C GLN A 12 28.90 31.18 4.30
N ARG A 13 29.45 30.87 3.10
CA ARG A 13 30.68 31.47 2.62
C ARG A 13 30.49 32.98 2.47
N TYR A 14 29.40 33.37 1.79
CA TYR A 14 29.19 34.77 1.44
C TYR A 14 28.93 35.60 2.71
N ARG A 15 28.26 34.99 3.69
CA ARG A 15 27.98 35.63 4.97
C ARG A 15 29.28 36.00 5.68
N THR A 16 30.23 35.05 5.74
CA THR A 16 31.49 35.24 6.46
C THR A 16 32.40 36.23 5.71
N GLU A 17 32.35 36.21 4.37
CA GLU A 17 33.11 37.14 3.56
C GLU A 17 32.58 38.56 3.73
N CYS A 18 31.25 38.71 3.78
CA CYS A 18 30.61 40.01 3.86
C CYS A 18 30.77 40.58 5.27
N VAL A 19 30.71 39.71 6.28
CA VAL A 19 30.95 40.10 7.66
C VAL A 19 32.36 40.66 7.79
N SER A 20 33.32 40.00 7.13
CA SER A 20 34.72 40.36 7.19
C SER A 20 34.97 41.73 6.54
N SER A 21 34.61 41.87 5.26
CA SER A 21 34.93 43.06 4.50
C SER A 21 34.20 44.28 5.07
N LEU A 22 32.93 44.09 5.49
CA LEU A 22 32.13 45.20 5.99
C LEU A 22 32.34 45.41 7.50
N ASN A 23 32.88 44.42 8.22
CA ASN A 23 33.21 44.55 9.63
C ASN A 23 31.91 44.58 10.45
N ILE A 24 31.07 43.56 10.23
CA ILE A 24 29.73 43.52 10.80
C ILE A 24 29.81 43.04 12.24
N PRO A 25 29.25 43.80 13.22
CA PRO A 25 29.14 43.30 14.60
C PRO A 25 28.40 41.98 14.77
N ALA A 26 28.98 41.10 15.60
CA ALA A 26 28.45 39.76 15.82
C ALA A 26 26.98 39.86 16.24
N ASP A 27 26.74 40.88 17.07
CA ASP A 27 25.42 41.42 17.34
C ASP A 27 24.49 41.22 16.14
N TYR A 28 24.83 41.89 15.02
CA TYR A 28 23.98 41.92 13.84
C TYR A 28 23.86 40.53 13.20
N VAL A 29 24.99 39.81 13.15
CA VAL A 29 25.06 38.50 12.53
C VAL A 29 24.02 37.58 13.16
N GLU A 30 23.86 37.69 14.49
CA GLU A 30 22.91 36.90 15.27
C GLU A 30 21.49 37.09 14.75
N LYS A 31 21.12 38.36 14.50
CA LYS A 31 19.79 38.73 14.04
C LYS A 31 19.53 38.19 12.62
N PHE A 32 20.54 38.31 11.75
CA PHE A 32 20.46 37.80 10.38
C PHE A 32 20.16 36.31 10.37
N LYS A 33 20.79 35.56 11.29
CA LYS A 33 20.69 34.10 11.32
C LYS A 33 19.28 33.65 11.64
N LYS A 34 18.50 34.51 12.30
CA LYS A 34 17.11 34.22 12.62
C LYS A 34 16.20 35.09 11.75
N TRP A 35 16.71 35.51 10.58
CA TRP A 35 15.96 36.27 9.59
C TRP A 35 15.32 37.50 10.21
N GLU A 36 16.12 38.24 11.00
CA GLU A 36 15.72 39.54 11.52
C GLU A 36 16.68 40.59 10.97
N PHE A 37 16.16 41.78 10.66
CA PHE A 37 16.90 42.74 9.85
C PHE A 37 16.58 44.17 10.29
N PRO A 38 17.36 44.75 11.24
CA PRO A 38 17.23 46.16 11.60
C PRO A 38 17.37 47.07 10.38
N GLU A 39 16.71 48.23 10.43
CA GLU A 39 16.58 49.10 9.26
C GLU A 39 17.67 50.18 9.30
N ASP A 40 18.94 49.75 9.18
CA ASP A 40 20.05 50.69 9.19
C ASP A 40 21.06 50.27 8.14
N ASP A 41 22.06 51.13 7.91
CA ASP A 41 23.01 50.94 6.84
C ASP A 41 23.82 49.65 7.00
N THR A 42 24.08 49.24 8.25
CA THR A 42 24.90 48.05 8.45
C THR A 42 24.21 46.82 7.88
N THR A 43 22.90 46.72 8.12
CA THR A 43 22.12 45.60 7.60
C THR A 43 21.93 45.76 6.09
N MET A 44 21.69 47.00 5.66
CA MET A 44 21.43 47.29 4.26
C MET A 44 22.63 46.89 3.39
N CYS A 45 23.84 47.23 3.85
CA CYS A 45 25.03 46.93 3.05
C CYS A 45 25.37 45.43 3.12
N TYR A 46 24.99 44.76 4.22
CA TYR A 46 25.14 43.31 4.28
C TYR A 46 24.36 42.67 3.12
N ILE A 47 23.09 43.05 3.00
CA ILE A 47 22.22 42.44 2.00
C ILE A 47 22.78 42.68 0.60
N LYS A 48 23.20 43.92 0.32
CA LYS A 48 23.79 44.25 -0.98
C LYS A 48 24.96 43.32 -1.27
N CYS A 49 25.85 43.15 -0.29
CA CYS A 49 27.05 42.33 -0.43
C CYS A 49 26.70 40.89 -0.79
N VAL A 50 25.80 40.27 0.00
CA VAL A 50 25.43 38.89 -0.23
C VAL A 50 24.75 38.77 -1.59
N PHE A 51 23.90 39.75 -1.93
CA PHE A 51 23.21 39.73 -3.22
C PHE A 51 24.23 39.87 -4.35
N ASN A 52 25.21 40.76 -4.18
CA ASN A 52 26.26 40.94 -5.17
C ASN A 52 26.94 39.59 -5.44
N LYS A 53 27.24 38.84 -4.37
CA LYS A 53 28.02 37.63 -4.46
C LYS A 53 27.22 36.48 -5.07
N MET A 54 25.89 36.53 -4.89
CA MET A 54 25.00 35.53 -5.45
C MET A 54 24.56 35.92 -6.87
N GLN A 55 24.96 37.11 -7.32
CA GLN A 55 24.63 37.61 -8.64
C GLN A 55 23.13 37.87 -8.74
N LEU A 56 22.56 38.47 -7.68
CA LEU A 56 21.14 38.76 -7.61
C LEU A 56 20.89 40.27 -7.68
N PHE A 57 21.96 41.06 -7.58
CA PHE A 57 21.86 42.51 -7.57
C PHE A 57 23.16 43.10 -8.10
N ASP A 58 23.02 44.12 -8.95
CA ASP A 58 24.14 44.87 -9.46
C ASP A 58 24.03 46.30 -8.92
N ASP A 59 25.17 46.88 -8.56
CA ASP A 59 25.20 48.17 -7.89
C ASP A 59 24.74 49.28 -8.82
N THR A 60 24.92 49.09 -10.14
CA THR A 60 24.50 50.04 -11.16
C THR A 60 23.13 49.67 -11.72
N GLU A 61 22.96 48.40 -12.11
CA GLU A 61 21.76 47.97 -12.82
C GLU A 61 20.62 47.72 -11.84
N GLY A 62 20.94 47.29 -10.61
CA GLY A 62 19.94 47.03 -9.59
C GLY A 62 19.59 45.56 -9.52
N PRO A 63 18.33 45.20 -9.15
CA PRO A 63 17.92 43.80 -9.08
C PRO A 63 18.14 43.12 -10.44
N LEU A 64 18.65 41.89 -10.38
CA LEU A 64 18.83 41.09 -11.58
C LEU A 64 17.68 40.09 -11.64
N VAL A 65 16.70 40.40 -12.49
CA VAL A 65 15.37 39.80 -12.41
C VAL A 65 15.44 38.31 -12.74
N ASP A 66 16.13 37.94 -13.82
CA ASP A 66 16.14 36.55 -14.29
C ASP A 66 16.82 35.65 -13.24
N ASN A 67 17.91 36.16 -12.65
CA ASN A 67 18.64 35.47 -11.62
C ASN A 67 17.81 35.33 -10.34
N LEU A 68 17.09 36.40 -9.97
CA LEU A 68 16.25 36.36 -8.78
C LEU A 68 15.16 35.29 -8.94
N VAL A 69 14.60 35.20 -10.15
CA VAL A 69 13.55 34.23 -10.43
C VAL A 69 14.13 32.81 -10.43
N HIS A 70 15.29 32.62 -11.09
CA HIS A 70 16.05 31.38 -11.06
C HIS A 70 16.35 30.94 -9.63
N GLN A 71 16.88 31.87 -8.83
CA GLN A 71 17.24 31.57 -7.45
C GLN A 71 16.02 31.03 -6.72
N LEU A 72 14.91 31.76 -6.80
CA LEU A 72 13.71 31.44 -6.04
C LEU A 72 12.99 30.23 -6.65
N ALA A 73 12.97 30.12 -7.98
CA ALA A 73 12.15 29.13 -8.67
C ALA A 73 12.92 27.84 -8.96
N HIS A 74 14.25 27.91 -8.98
CA HIS A 74 15.09 26.83 -9.50
C HIS A 74 14.70 26.53 -10.94
N GLY A 75 14.22 27.57 -11.65
CA GLY A 75 13.68 27.44 -13.00
C GLY A 75 12.53 26.44 -13.11
N ARG A 76 11.51 26.58 -12.25
CA ARG A 76 10.40 25.63 -12.19
C ARG A 76 9.06 26.34 -12.39
N ASP A 77 8.79 27.35 -11.55
CA ASP A 77 7.50 28.02 -11.53
C ASP A 77 7.71 29.48 -11.94
N ALA A 78 8.35 29.68 -13.11
CA ALA A 78 8.97 30.94 -13.47
C ALA A 78 7.98 32.11 -13.44
N GLU A 79 6.82 31.95 -14.11
CA GLU A 79 5.92 33.05 -14.41
C GLU A 79 5.31 33.63 -13.14
N GLU A 80 4.92 32.75 -12.21
CA GLU A 80 4.30 33.14 -10.95
C GLU A 80 5.29 33.93 -10.09
N VAL A 81 6.49 33.37 -9.95
CA VAL A 81 7.54 33.94 -9.13
C VAL A 81 7.97 35.30 -9.72
N ARG A 82 8.15 35.34 -11.05
CA ARG A 82 8.49 36.57 -11.77
C ARG A 82 7.53 37.70 -11.40
N THR A 83 6.23 37.40 -11.34
CA THR A 83 5.23 38.43 -11.07
C THR A 83 5.42 38.97 -9.65
N GLU A 84 5.75 38.09 -8.71
CA GLU A 84 5.94 38.52 -7.33
C GLU A 84 7.26 39.27 -7.19
N VAL A 85 8.31 38.78 -7.86
CA VAL A 85 9.62 39.44 -7.82
C VAL A 85 9.48 40.88 -8.34
N LEU A 86 8.77 41.07 -9.47
CA LEU A 86 8.72 42.36 -10.15
C LEU A 86 7.92 43.40 -9.37
N LYS A 87 6.98 42.95 -8.53
CA LYS A 87 6.24 43.85 -7.66
C LYS A 87 7.18 44.57 -6.69
N CYS A 88 8.40 44.02 -6.48
CA CYS A 88 9.34 44.55 -5.50
C CYS A 88 10.51 45.28 -6.16
N VAL A 89 10.52 45.33 -7.49
CA VAL A 89 11.58 45.96 -8.26
C VAL A 89 11.24 47.44 -8.39
N ASP A 90 12.17 48.30 -7.99
CA ASP A 90 12.00 49.73 -8.12
C ASP A 90 13.35 50.33 -8.56
N LYS A 91 13.41 51.65 -8.64
CA LYS A 91 14.60 52.32 -9.12
C LYS A 91 15.38 52.85 -7.92
N ASN A 92 16.60 53.33 -8.21
CA ASN A 92 17.53 53.79 -7.20
C ASN A 92 17.17 55.22 -6.79
N THR A 93 16.10 55.37 -6.01
CA THR A 93 15.44 56.65 -5.87
C THR A 93 16.24 57.58 -4.97
N ASP A 94 17.00 57.02 -4.02
CA ASP A 94 17.78 57.82 -3.07
C ASP A 94 19.28 57.57 -3.24
N ASN A 95 19.67 57.11 -4.44
CA ASN A 95 21.06 56.97 -4.83
C ASN A 95 21.87 56.34 -3.71
N ASN A 96 21.35 55.20 -3.22
CA ASN A 96 21.93 54.45 -2.13
C ASN A 96 21.74 52.98 -2.48
N ALA A 97 22.79 52.38 -3.08
CA ALA A 97 22.72 51.01 -3.59
C ALA A 97 22.44 50.01 -2.47
N CYS A 98 23.04 50.25 -1.29
CA CYS A 98 22.77 49.42 -0.13
C CYS A 98 21.28 49.46 0.21
N HIS A 99 20.68 50.66 0.14
CA HIS A 99 19.27 50.79 0.46
C HIS A 99 18.40 50.08 -0.59
N TRP A 100 18.75 50.30 -1.86
CA TRP A 100 18.05 49.75 -3.02
C TRP A 100 17.87 48.23 -2.89
N ALA A 101 18.96 47.52 -2.57
CA ALA A 101 18.95 46.07 -2.48
C ALA A 101 18.10 45.64 -1.30
N PHE A 102 18.28 46.36 -0.18
CA PHE A 102 17.53 46.08 1.03
C PHE A 102 16.02 46.22 0.78
N ARG A 103 15.61 47.37 0.23
CA ARG A 103 14.20 47.69 0.01
C ARG A 103 13.54 46.62 -0.87
N GLY A 104 14.29 46.07 -1.82
CA GLY A 104 13.81 44.97 -2.63
C GLY A 104 13.57 43.72 -1.78
N PHE A 105 14.61 43.35 -1.01
CA PHE A 105 14.59 42.19 -0.14
C PHE A 105 13.46 42.32 0.89
N LYS A 106 13.34 43.50 1.50
CA LYS A 106 12.29 43.78 2.46
C LYS A 106 10.91 43.50 1.85
N CYS A 107 10.65 44.09 0.68
CA CYS A 107 9.37 43.94 0.01
C CYS A 107 9.00 42.47 -0.11
N PHE A 108 9.99 41.63 -0.46
CA PHE A 108 9.72 40.25 -0.84
C PHE A 108 9.63 39.34 0.39
N GLN A 109 10.40 39.65 1.43
CA GLN A 109 10.39 38.84 2.65
C GLN A 109 9.05 39.00 3.37
N LYS A 110 8.41 40.16 3.20
CA LYS A 110 7.19 40.49 3.91
C LYS A 110 6.15 39.37 3.72
N ASN A 111 5.92 38.97 2.46
CA ASN A 111 4.87 38.02 2.11
C ASN A 111 5.45 36.63 1.81
N ASN A 112 6.69 36.56 1.32
CA ASN A 112 7.21 35.35 0.70
C ASN A 112 8.54 34.90 1.33
N LEU A 113 8.65 34.96 2.65
CA LEU A 113 9.89 34.58 3.32
C LEU A 113 10.15 33.08 3.16
N SER A 114 9.09 32.28 3.19
CA SER A 114 9.24 30.84 3.09
C SER A 114 9.99 30.47 1.82
N LEU A 115 9.61 31.09 0.70
CA LEU A 115 10.23 30.79 -0.58
C LEU A 115 11.71 31.13 -0.54
N ILE A 116 12.07 32.23 0.14
CA ILE A 116 13.45 32.67 0.23
C ILE A 116 14.27 31.59 0.95
N LYS A 117 13.76 31.10 2.08
CA LYS A 117 14.44 30.07 2.84
C LYS A 117 14.57 28.80 2.01
N ALA A 118 13.49 28.47 1.28
CA ALA A 118 13.44 27.24 0.49
C ALA A 118 14.33 27.34 -0.75
N SER A 119 14.61 28.56 -1.23
CA SER A 119 15.47 28.75 -2.38
C SER A 119 16.90 28.29 -2.05
N ILE A 120 17.28 28.40 -0.77
CA ILE A 120 18.58 27.96 -0.29
C ILE A 120 18.56 26.44 -0.12
N LYS A 121 17.49 25.91 0.48
CA LYS A 121 17.35 24.48 0.73
C LYS A 121 17.23 23.75 -0.60
N GLU B 2 -17.00 29.48 -29.85
CA GLU B 2 -17.37 30.71 -29.09
C GLU B 2 -16.95 30.55 -27.64
N PHE B 3 -17.59 29.61 -26.92
CA PHE B 3 -17.44 29.52 -25.47
C PHE B 3 -16.58 28.34 -25.05
N THR B 4 -15.44 28.67 -24.44
CA THR B 4 -14.65 27.73 -23.65
C THR B 4 -14.78 28.13 -22.18
N VAL B 5 -14.63 27.15 -21.29
CA VAL B 5 -14.76 27.41 -19.86
C VAL B 5 -13.52 28.16 -19.39
N SER B 6 -13.70 29.06 -18.40
CA SER B 6 -12.60 29.81 -17.82
C SER B 6 -11.93 29.02 -16.71
N THR B 7 -10.60 29.00 -16.70
CA THR B 7 -9.81 28.39 -15.64
C THR B 7 -9.32 29.48 -14.68
N THR B 8 -8.61 29.03 -13.64
CA THR B 8 -7.89 29.91 -12.74
C THR B 8 -7.12 30.96 -13.54
N GLU B 9 -6.43 30.53 -14.60
CA GLU B 9 -5.60 31.42 -15.40
C GLU B 9 -6.46 32.50 -16.07
N ASP B 10 -7.61 32.11 -16.61
CA ASP B 10 -8.48 33.05 -17.29
C ASP B 10 -8.95 34.10 -16.30
N LEU B 11 -9.31 33.63 -15.09
CA LEU B 11 -9.84 34.47 -14.03
C LEU B 11 -8.79 35.50 -13.63
N GLN B 12 -7.54 35.07 -13.54
CA GLN B 12 -6.45 35.97 -13.14
C GLN B 12 -6.28 37.08 -14.16
N ARG B 13 -6.35 36.73 -15.45
CA ARG B 13 -6.21 37.71 -16.52
C ARG B 13 -7.38 38.68 -16.48
N TYR B 14 -8.59 38.13 -16.28
CA TYR B 14 -9.81 38.93 -16.26
C TYR B 14 -9.79 39.91 -15.09
N ARG B 15 -9.34 39.44 -13.92
N ARG B 15 -9.34 39.44 -13.92
CA ARG B 15 -9.17 40.30 -12.75
CA ARG B 15 -9.17 40.30 -12.75
C ARG B 15 -8.28 41.48 -13.12
C ARG B 15 -8.28 41.48 -13.12
N THR B 16 -7.19 41.21 -13.85
CA THR B 16 -6.23 42.23 -14.22
C THR B 16 -6.86 43.25 -15.15
N GLU B 17 -7.64 42.76 -16.12
CA GLU B 17 -8.31 43.62 -17.10
C GLU B 17 -9.34 44.49 -16.39
N CYS B 18 -9.97 43.94 -15.35
CA CYS B 18 -11.03 44.63 -14.64
C CYS B 18 -10.46 45.60 -13.60
N VAL B 19 -9.31 45.26 -13.01
CA VAL B 19 -8.65 46.17 -12.08
C VAL B 19 -8.28 47.47 -12.78
N SER B 20 -7.82 47.37 -14.04
CA SER B 20 -7.33 48.53 -14.76
C SER B 20 -8.49 49.37 -15.30
N SER B 21 -9.43 48.72 -16.01
CA SER B 21 -10.50 49.46 -16.67
C SER B 21 -11.47 50.10 -15.67
N LEU B 22 -11.61 49.51 -14.48
CA LEU B 22 -12.49 50.07 -13.44
C LEU B 22 -11.71 50.88 -12.41
N ASN B 23 -10.38 50.92 -12.54
CA ASN B 23 -9.51 51.67 -11.64
C ASN B 23 -9.73 51.24 -10.20
N ILE B 24 -9.77 49.91 -9.99
CA ILE B 24 -10.01 49.34 -8.68
C ILE B 24 -8.88 49.76 -7.75
N PRO B 25 -9.16 50.29 -6.53
CA PRO B 25 -8.11 50.65 -5.57
C PRO B 25 -7.46 49.41 -4.96
N ALA B 26 -6.22 49.56 -4.49
CA ALA B 26 -5.35 48.46 -4.10
C ALA B 26 -5.95 47.61 -2.98
N ASP B 27 -6.58 48.26 -1.99
CA ASP B 27 -7.14 47.55 -0.86
C ASP B 27 -8.17 46.52 -1.34
N TYR B 28 -8.97 46.89 -2.34
CA TYR B 28 -9.97 45.99 -2.92
C TYR B 28 -9.30 44.89 -3.73
N VAL B 29 -8.22 45.25 -4.44
CA VAL B 29 -7.48 44.32 -5.27
C VAL B 29 -7.08 43.12 -4.42
N GLU B 30 -6.48 43.41 -3.25
CA GLU B 30 -6.03 42.40 -2.31
C GLU B 30 -7.16 41.43 -1.98
N LYS B 31 -8.35 41.96 -1.70
CA LYS B 31 -9.50 41.16 -1.31
C LYS B 31 -9.97 40.29 -2.48
N PHE B 32 -9.96 40.86 -3.69
CA PHE B 32 -10.40 40.13 -4.87
C PHE B 32 -9.47 38.95 -5.14
N LYS B 33 -8.16 39.16 -4.93
CA LYS B 33 -7.16 38.12 -5.09
C LYS B 33 -7.42 36.96 -4.14
N LYS B 34 -8.06 37.24 -3.01
CA LYS B 34 -8.39 36.23 -2.02
C LYS B 34 -9.81 35.71 -2.20
N TRP B 35 -10.49 36.19 -3.25
CA TRP B 35 -11.86 35.82 -3.55
C TRP B 35 -12.79 36.32 -2.44
N GLU B 36 -12.41 37.47 -1.84
CA GLU B 36 -13.21 38.13 -0.82
C GLU B 36 -13.94 39.29 -1.49
N PHE B 37 -15.27 39.34 -1.34
CA PHE B 37 -16.12 40.21 -2.14
C PHE B 37 -17.13 40.97 -1.27
N PRO B 38 -16.81 42.21 -0.85
CA PRO B 38 -17.80 43.06 -0.18
C PRO B 38 -18.99 43.33 -1.10
N GLU B 39 -20.19 43.47 -0.49
CA GLU B 39 -21.40 43.75 -1.24
C GLU B 39 -21.56 45.27 -1.41
N ASP B 40 -20.62 45.89 -2.13
CA ASP B 40 -20.68 47.31 -2.42
C ASP B 40 -20.54 47.52 -3.93
N ASP B 41 -20.84 48.74 -4.38
CA ASP B 41 -20.93 49.07 -5.80
C ASP B 41 -19.62 48.78 -6.52
N THR B 42 -18.48 49.03 -5.86
CA THR B 42 -17.18 48.75 -6.44
C THR B 42 -17.07 47.26 -6.78
N THR B 43 -17.45 46.40 -5.83
CA THR B 43 -17.27 44.97 -6.00
C THR B 43 -18.33 44.40 -6.94
N MET B 44 -19.55 44.93 -6.89
CA MET B 44 -20.62 44.44 -7.75
C MET B 44 -20.29 44.73 -9.21
N CYS B 45 -19.69 45.89 -9.48
CA CYS B 45 -19.23 46.21 -10.82
C CYS B 45 -17.98 45.41 -11.16
N TYR B 46 -17.13 45.12 -10.16
CA TYR B 46 -16.01 44.25 -10.43
C TYR B 46 -16.52 42.89 -10.94
N ILE B 47 -17.50 42.33 -10.22
CA ILE B 47 -18.01 40.99 -10.52
C ILE B 47 -18.69 40.97 -11.89
N LYS B 48 -19.44 42.02 -12.19
CA LYS B 48 -20.06 42.14 -13.50
C LYS B 48 -18.97 42.05 -14.58
N CYS B 49 -17.86 42.75 -14.34
CA CYS B 49 -16.77 42.87 -15.31
C CYS B 49 -16.17 41.50 -15.59
N VAL B 50 -15.87 40.76 -14.53
CA VAL B 50 -15.30 39.43 -14.68
C VAL B 50 -16.28 38.55 -15.46
N PHE B 51 -17.54 38.52 -14.99
CA PHE B 51 -18.55 37.68 -15.62
C PHE B 51 -18.76 38.08 -17.08
N ASN B 52 -18.74 39.38 -17.42
CA ASN B 52 -18.83 39.82 -18.80
C ASN B 52 -17.81 39.06 -19.65
N LYS B 53 -16.55 39.08 -19.19
CA LYS B 53 -15.42 38.54 -19.94
C LYS B 53 -15.37 37.01 -19.95
N MET B 54 -15.94 36.37 -18.94
CA MET B 54 -16.00 34.92 -18.91
C MET B 54 -17.13 34.45 -19.84
N GLN B 55 -17.96 35.40 -20.29
CA GLN B 55 -19.12 35.16 -21.14
C GLN B 55 -20.20 34.44 -20.34
N LEU B 56 -20.32 34.82 -19.05
CA LEU B 56 -21.33 34.28 -18.15
C LEU B 56 -22.42 35.31 -17.87
N PHE B 57 -22.24 36.54 -18.35
CA PHE B 57 -23.22 37.59 -18.10
C PHE B 57 -23.10 38.66 -19.18
N ASP B 58 -24.27 39.17 -19.58
CA ASP B 58 -24.36 40.25 -20.55
C ASP B 58 -25.18 41.37 -19.92
N ASP B 59 -24.77 42.62 -20.18
CA ASP B 59 -25.37 43.76 -19.51
C ASP B 59 -26.83 43.94 -19.93
N THR B 60 -27.22 43.44 -21.11
CA THR B 60 -28.60 43.53 -21.55
C THR B 60 -29.33 42.19 -21.42
N GLU B 61 -28.69 41.09 -21.86
CA GLU B 61 -29.33 39.79 -21.92
C GLU B 61 -29.38 39.15 -20.53
N GLY B 62 -28.45 39.55 -19.64
CA GLY B 62 -28.43 39.03 -18.28
C GLY B 62 -27.48 37.84 -18.14
N PRO B 63 -27.61 37.02 -17.06
CA PRO B 63 -26.76 35.85 -16.89
C PRO B 63 -27.00 34.90 -18.06
N LEU B 64 -25.89 34.38 -18.60
CA LEU B 64 -25.93 33.57 -19.81
C LEU B 64 -25.98 32.09 -19.42
N VAL B 65 -27.14 31.46 -19.64
CA VAL B 65 -27.49 30.23 -18.94
C VAL B 65 -26.63 29.06 -19.44
N ASP B 66 -26.60 28.85 -20.77
CA ASP B 66 -25.89 27.72 -21.36
C ASP B 66 -24.44 27.73 -20.90
N ASN B 67 -23.78 28.89 -21.06
CA ASN B 67 -22.37 29.05 -20.72
C ASN B 67 -22.16 28.86 -19.22
N LEU B 68 -23.08 29.42 -18.41
CA LEU B 68 -23.04 29.23 -16.97
C LEU B 68 -23.09 27.74 -16.62
N VAL B 69 -23.84 26.95 -17.40
CA VAL B 69 -24.01 25.54 -17.10
C VAL B 69 -22.69 24.81 -17.33
N HIS B 70 -22.08 25.03 -18.50
CA HIS B 70 -20.82 24.41 -18.84
C HIS B 70 -19.75 24.77 -17.82
N GLN B 71 -19.74 26.04 -17.40
CA GLN B 71 -18.77 26.53 -16.44
C GLN B 71 -18.97 25.82 -15.10
N LEU B 72 -20.21 25.79 -14.62
CA LEU B 72 -20.50 25.41 -13.24
C LEU B 72 -20.72 23.90 -13.07
N ALA B 73 -20.87 23.15 -14.16
CA ALA B 73 -21.22 21.73 -14.07
C ALA B 73 -20.09 20.93 -13.43
N HIS B 74 -18.89 21.02 -14.02
CA HIS B 74 -17.74 20.27 -13.55
C HIS B 74 -18.07 18.79 -13.44
N GLY B 75 -18.33 18.15 -14.59
CA GLY B 75 -18.62 16.73 -14.65
C GLY B 75 -19.88 16.36 -13.87
N ARG B 76 -20.99 17.02 -14.22
CA ARG B 76 -22.26 16.85 -13.53
C ARG B 76 -23.38 16.70 -14.56
N ASP B 77 -24.58 16.38 -14.06
CA ASP B 77 -25.78 16.32 -14.88
C ASP B 77 -26.18 17.75 -15.26
N ALA B 78 -25.92 18.13 -16.52
CA ALA B 78 -26.19 19.46 -17.02
C ALA B 78 -27.66 19.82 -16.85
N GLU B 79 -28.54 18.85 -17.13
CA GLU B 79 -29.98 19.04 -17.02
C GLU B 79 -30.33 19.51 -15.61
N GLU B 80 -29.69 18.91 -14.61
CA GLU B 80 -29.95 19.19 -13.22
C GLU B 80 -29.33 20.54 -12.83
N VAL B 81 -28.11 20.79 -13.33
CA VAL B 81 -27.40 22.02 -13.02
C VAL B 81 -28.16 23.21 -13.59
N ARG B 82 -28.82 23.02 -14.74
CA ARG B 82 -29.55 24.10 -15.39
C ARG B 82 -30.74 24.55 -14.53
N THR B 83 -31.23 23.68 -13.62
CA THR B 83 -32.38 24.04 -12.81
C THR B 83 -31.91 24.83 -11.59
N GLU B 84 -30.73 24.51 -11.05
CA GLU B 84 -30.14 25.31 -9.99
C GLU B 84 -29.88 26.73 -10.50
N VAL B 85 -29.25 26.81 -11.69
CA VAL B 85 -28.90 28.06 -12.35
C VAL B 85 -30.16 28.90 -12.59
N LEU B 86 -31.16 28.31 -13.26
CA LEU B 86 -32.34 29.06 -13.64
C LEU B 86 -33.15 29.45 -12.40
N LYS B 87 -32.89 28.75 -11.28
CA LYS B 87 -33.40 29.17 -9.98
C LYS B 87 -32.67 30.42 -9.49
N CYS B 88 -31.56 30.79 -10.14
CA CYS B 88 -30.82 31.99 -9.80
C CYS B 88 -30.99 33.10 -10.85
N VAL B 89 -31.66 32.81 -11.97
CA VAL B 89 -31.88 33.80 -12.99
C VAL B 89 -33.10 34.62 -12.61
N ASP B 90 -32.93 35.95 -12.61
CA ASP B 90 -34.04 36.88 -12.43
C ASP B 90 -33.92 37.96 -13.50
N LYS B 91 -34.89 38.89 -13.50
CA LYS B 91 -34.88 40.03 -14.40
C LYS B 91 -34.02 41.15 -13.80
N ASN B 92 -33.75 42.19 -14.59
CA ASN B 92 -32.94 43.31 -14.12
C ASN B 92 -33.84 44.35 -13.46
N THR B 93 -34.35 43.98 -12.27
CA THR B 93 -35.43 44.68 -11.60
C THR B 93 -35.09 46.15 -11.31
N ASP B 94 -33.85 46.43 -10.87
CA ASP B 94 -33.50 47.79 -10.50
C ASP B 94 -32.62 48.44 -11.58
N ASN B 95 -32.56 47.84 -12.76
CA ASN B 95 -31.85 48.41 -13.90
C ASN B 95 -30.42 48.80 -13.49
N ASN B 96 -29.75 47.89 -12.79
CA ASN B 96 -28.35 48.03 -12.46
C ASN B 96 -27.68 46.68 -12.71
N ALA B 97 -27.00 46.59 -13.85
CA ALA B 97 -26.35 45.36 -14.27
C ALA B 97 -25.37 44.87 -13.22
N CYS B 98 -24.71 45.81 -12.51
CA CYS B 98 -23.73 45.44 -11.49
C CYS B 98 -24.42 44.69 -10.36
N HIS B 99 -25.62 45.17 -9.98
CA HIS B 99 -26.50 44.48 -9.03
C HIS B 99 -26.92 43.14 -9.61
N TRP B 100 -27.45 43.19 -10.84
CA TRP B 100 -27.98 42.03 -11.53
C TRP B 100 -26.95 40.90 -11.53
N ALA B 101 -25.69 41.23 -11.86
CA ALA B 101 -24.65 40.22 -11.93
C ALA B 101 -24.39 39.63 -10.53
N PHE B 102 -24.27 40.51 -9.54
CA PHE B 102 -23.87 40.12 -8.20
C PHE B 102 -24.95 39.30 -7.53
N ARG B 103 -26.21 39.73 -7.71
CA ARG B 103 -27.37 39.02 -7.22
C ARG B 103 -27.27 37.55 -7.62
N GLY B 104 -26.93 37.30 -8.89
CA GLY B 104 -26.83 35.95 -9.42
C GLY B 104 -25.62 35.19 -8.86
N PHE B 105 -24.51 35.91 -8.73
CA PHE B 105 -23.29 35.38 -8.14
C PHE B 105 -23.56 34.93 -6.70
N LYS B 106 -24.25 35.77 -5.95
CA LYS B 106 -24.62 35.47 -4.57
C LYS B 106 -25.46 34.19 -4.55
N CYS B 107 -26.37 34.06 -5.51
CA CYS B 107 -27.27 32.92 -5.59
C CYS B 107 -26.55 31.64 -6.02
N PHE B 108 -25.40 31.80 -6.71
CA PHE B 108 -24.56 30.66 -7.04
C PHE B 108 -23.76 30.22 -5.82
N GLN B 109 -23.32 31.17 -5.00
CA GLN B 109 -22.57 30.88 -3.79
C GLN B 109 -23.46 30.16 -2.77
N LYS B 110 -24.73 30.55 -2.72
CA LYS B 110 -25.66 30.05 -1.71
C LYS B 110 -25.97 28.58 -1.97
N ASN B 111 -25.71 28.12 -3.20
CA ASN B 111 -25.94 26.73 -3.58
C ASN B 111 -24.61 26.01 -3.82
N ASN B 112 -23.52 26.56 -3.26
CA ASN B 112 -22.18 26.01 -3.33
C ASN B 112 -21.83 25.59 -4.77
N LEU B 113 -22.21 26.43 -5.73
CA LEU B 113 -21.76 26.27 -7.11
C LEU B 113 -20.47 27.05 -7.30
N SER B 114 -19.43 26.36 -7.79
CA SER B 114 -18.13 26.96 -8.00
C SER B 114 -17.90 27.16 -9.49
N LEU B 115 -17.58 28.41 -9.87
CA LEU B 115 -17.06 28.70 -11.19
C LEU B 115 -15.80 27.86 -11.41
N ILE B 116 -14.92 27.87 -10.41
CA ILE B 116 -13.63 27.19 -10.46
C ILE B 116 -13.63 26.03 -9.46
N LYS B 117 -13.24 24.83 -9.95
CA LYS B 117 -13.27 23.62 -9.14
C LYS B 117 -12.06 22.75 -9.49
N ALA B 118 -11.32 22.30 -8.47
CA ALA B 118 -10.18 21.44 -8.72
C ALA B 118 -10.69 20.17 -9.40
N SER B 119 -9.85 19.59 -10.27
CA SER B 119 -10.27 18.49 -11.12
C SER B 119 -9.20 17.40 -11.13
N ILE B 120 -9.62 16.17 -10.81
CA ILE B 120 -8.72 15.05 -10.74
C ILE B 120 -8.91 14.19 -11.99
N LYS B 121 -7.80 13.83 -12.63
CA LYS B 121 -7.81 13.05 -13.86
C LYS B 121 -7.08 11.72 -13.61
N LYS B 122 -7.30 10.75 -14.52
CA LYS B 122 -6.63 9.46 -14.45
C LYS B 122 -5.32 9.52 -15.24
N GLU C 2 -3.96 29.69 17.28
CA GLU C 2 -5.04 28.90 16.60
C GLU C 2 -4.55 28.47 15.23
N PHE C 3 -5.30 27.57 14.59
CA PHE C 3 -5.10 27.30 13.18
C PHE C 3 -5.63 28.49 12.39
N THR C 4 -4.90 28.88 11.34
CA THR C 4 -5.34 29.92 10.42
C THR C 4 -5.56 29.35 9.03
N VAL C 5 -6.71 29.67 8.43
CA VAL C 5 -7.04 29.24 7.09
C VAL C 5 -6.02 29.79 6.10
N SER C 6 -5.75 28.99 5.07
CA SER C 6 -4.97 29.41 3.92
C SER C 6 -5.86 30.14 2.91
N THR C 7 -5.28 31.18 2.30
CA THR C 7 -5.88 31.92 1.21
C THR C 7 -5.30 31.46 -0.14
N THR C 8 -5.84 32.05 -1.22
CA THR C 8 -5.32 31.84 -2.56
C THR C 8 -3.84 32.18 -2.66
N GLU C 9 -3.36 33.13 -1.85
CA GLU C 9 -1.97 33.56 -1.93
C GLU C 9 -1.07 32.56 -1.22
N ASP C 10 -1.55 32.02 -0.09
CA ASP C 10 -0.86 30.94 0.61
C ASP C 10 -0.68 29.77 -0.35
N LEU C 11 -1.77 29.40 -1.03
CA LEU C 11 -1.76 28.32 -2.01
C LEU C 11 -0.68 28.55 -3.07
N GLN C 12 -0.60 29.76 -3.61
CA GLN C 12 0.35 30.06 -4.66
C GLN C 12 1.78 29.95 -4.13
N ARG C 13 1.97 30.46 -2.91
CA ARG C 13 3.26 30.45 -2.24
C ARG C 13 3.69 29.01 -1.98
N TYR C 14 2.76 28.18 -1.46
CA TYR C 14 3.06 26.79 -1.16
C TYR C 14 3.31 26.02 -2.45
N ARG C 15 2.58 26.35 -3.51
CA ARG C 15 2.77 25.68 -4.80
C ARG C 15 4.21 25.94 -5.28
N THR C 16 4.68 27.18 -5.10
CA THR C 16 6.01 27.54 -5.54
C THR C 16 7.04 26.71 -4.78
N GLU C 17 6.90 26.63 -3.46
CA GLU C 17 7.84 25.89 -2.61
C GLU C 17 7.84 24.40 -2.94
N CYS C 18 6.66 23.85 -3.25
CA CYS C 18 6.51 22.41 -3.46
C CYS C 18 6.97 22.01 -4.86
N VAL C 19 6.67 22.84 -5.86
CA VAL C 19 7.14 22.63 -7.21
C VAL C 19 8.67 22.60 -7.22
N SER C 20 9.29 23.44 -6.39
CA SER C 20 10.73 23.52 -6.26
C SER C 20 11.28 22.24 -5.63
N SER C 21 10.87 22.00 -4.38
CA SER C 21 11.42 20.96 -3.53
C SER C 21 11.23 19.57 -4.13
N LEU C 22 10.18 19.40 -4.92
CA LEU C 22 9.88 18.10 -5.49
C LEU C 22 10.33 18.01 -6.94
N ASN C 23 10.74 19.14 -7.54
CA ASN C 23 11.27 19.20 -8.89
C ASN C 23 10.20 18.80 -9.90
N ILE C 24 9.04 19.44 -9.83
CA ILE C 24 7.87 19.08 -10.60
C ILE C 24 8.08 19.46 -12.07
N PRO C 25 7.86 18.53 -13.03
CA PRO C 25 8.00 18.85 -14.45
C PRO C 25 7.03 19.94 -14.92
N ALA C 26 7.39 20.57 -16.05
CA ALA C 26 6.73 21.76 -16.56
C ALA C 26 5.23 21.56 -16.76
N ASP C 27 4.86 20.53 -17.55
CA ASP C 27 3.47 20.28 -17.90
C ASP C 27 2.64 20.04 -16.64
N TYR C 28 3.25 19.52 -15.57
CA TYR C 28 2.56 19.33 -14.31
C TYR C 28 2.23 20.66 -13.64
N VAL C 29 3.23 21.55 -13.57
CA VAL C 29 3.05 22.84 -12.92
C VAL C 29 1.90 23.60 -13.58
N GLU C 30 1.77 23.45 -14.91
CA GLU C 30 0.75 24.15 -15.67
C GLU C 30 -0.64 23.62 -15.35
N LYS C 31 -0.73 22.30 -15.09
CA LYS C 31 -1.99 21.70 -14.68
C LYS C 31 -2.29 22.12 -13.24
N PHE C 32 -1.25 22.15 -12.39
CA PHE C 32 -1.47 22.44 -10.99
C PHE C 32 -2.01 23.87 -10.83
N LYS C 33 -1.51 24.81 -11.65
CA LYS C 33 -1.97 26.19 -11.63
C LYS C 33 -3.45 26.31 -12.04
N LYS C 34 -3.95 25.35 -12.82
CA LYS C 34 -5.35 25.32 -13.22
C LYS C 34 -6.16 24.39 -12.32
N TRP C 35 -5.53 23.90 -11.23
CA TRP C 35 -6.21 23.02 -10.30
C TRP C 35 -6.61 21.72 -11.01
N GLU C 36 -5.72 21.21 -11.86
CA GLU C 36 -5.92 19.93 -12.53
C GLU C 36 -4.86 18.95 -12.04
N PHE C 37 -5.31 17.81 -11.57
CA PHE C 37 -4.43 16.89 -10.86
C PHE C 37 -4.55 15.50 -11.48
N PRO C 38 -3.51 15.00 -12.19
CA PRO C 38 -3.46 13.59 -12.54
C PRO C 38 -3.28 12.78 -11.26
N GLU C 39 -3.84 11.57 -11.23
CA GLU C 39 -3.67 10.64 -10.13
C GLU C 39 -2.40 9.82 -10.36
N ASP C 40 -1.27 10.32 -9.87
CA ASP C 40 0.01 9.63 -9.98
C ASP C 40 0.97 10.18 -8.95
N ASP C 41 2.09 9.47 -8.73
CA ASP C 41 2.97 9.72 -7.59
C ASP C 41 3.51 11.14 -7.59
N THR C 42 3.73 11.70 -8.79
CA THR C 42 4.22 13.06 -8.92
C THR C 42 3.25 14.03 -8.27
N THR C 43 1.97 13.92 -8.66
CA THR C 43 0.92 14.82 -8.24
C THR C 43 0.56 14.57 -6.77
N MET C 44 0.51 13.28 -6.40
CA MET C 44 0.12 12.86 -5.06
C MET C 44 1.12 13.38 -4.02
N CYS C 45 2.41 13.30 -4.31
CA CYS C 45 3.39 13.86 -3.39
C CYS C 45 3.33 15.39 -3.37
N TYR C 46 2.90 16.02 -4.46
CA TYR C 46 2.74 17.46 -4.48
C TYR C 46 1.60 17.88 -3.54
N ILE C 47 0.47 17.17 -3.60
CA ILE C 47 -0.68 17.46 -2.77
C ILE C 47 -0.31 17.31 -1.29
N LYS C 48 0.40 16.23 -0.96
CA LYS C 48 0.87 16.04 0.40
C LYS C 48 1.69 17.24 0.83
N CYS C 49 2.62 17.69 -0.03
CA CYS C 49 3.49 18.81 0.27
C CYS C 49 2.66 20.06 0.58
N VAL C 50 1.63 20.30 -0.23
CA VAL C 50 0.81 21.49 -0.07
C VAL C 50 -0.07 21.33 1.18
N PHE C 51 -0.65 20.15 1.38
CA PHE C 51 -1.49 19.92 2.55
C PHE C 51 -0.66 20.01 3.83
N ASN C 52 0.60 19.55 3.77
CA ASN C 52 1.56 19.69 4.86
C ASN C 52 1.73 21.16 5.27
N LYS C 53 1.90 22.01 4.27
CA LYS C 53 2.21 23.41 4.52
C LYS C 53 0.96 24.15 5.00
N MET C 54 -0.23 23.66 4.59
CA MET C 54 -1.49 24.27 5.00
C MET C 54 -1.97 23.70 6.33
N GLN C 55 -1.19 22.80 6.94
CA GLN C 55 -1.50 22.12 8.20
C GLN C 55 -2.85 21.40 8.09
N LEU C 56 -3.10 20.79 6.94
CA LEU C 56 -4.29 19.96 6.74
C LEU C 56 -3.93 18.48 6.75
N PHE C 57 -2.62 18.17 6.70
CA PHE C 57 -2.15 16.79 6.65
C PHE C 57 -0.81 16.72 7.36
N ASP C 58 -0.69 15.71 8.24
CA ASP C 58 0.53 15.36 8.92
C ASP C 58 0.94 13.94 8.48
N ASP C 59 2.22 13.75 8.17
CA ASP C 59 2.65 12.52 7.53
C ASP C 59 2.49 11.32 8.45
N THR C 60 2.52 11.55 9.78
CA THR C 60 2.27 10.50 10.76
C THR C 60 0.79 10.38 11.10
N GLU C 61 0.13 11.50 11.44
CA GLU C 61 -1.23 11.48 11.96
C GLU C 61 -2.23 11.37 10.82
N GLY C 62 -1.82 11.72 9.60
CA GLY C 62 -2.71 11.71 8.46
C GLY C 62 -3.46 13.02 8.33
N PRO C 63 -4.67 13.03 7.73
CA PRO C 63 -5.47 14.24 7.61
C PRO C 63 -5.86 14.76 8.99
N LEU C 64 -5.80 16.09 9.14
CA LEU C 64 -6.01 16.75 10.42
C LEU C 64 -7.40 17.38 10.39
N VAL C 65 -8.35 16.70 11.06
CA VAL C 65 -9.77 16.89 10.80
C VAL C 65 -10.23 18.28 11.22
N ASP C 66 -9.80 18.75 12.40
CA ASP C 66 -10.27 20.02 12.89
C ASP C 66 -9.85 21.15 11.96
N ASN C 67 -8.59 21.11 11.53
CA ASN C 67 -8.04 22.13 10.66
C ASN C 67 -8.76 22.06 9.31
N LEU C 68 -9.05 20.84 8.85
CA LEU C 68 -9.71 20.66 7.56
C LEU C 68 -11.10 21.31 7.62
N VAL C 69 -11.80 21.09 8.74
CA VAL C 69 -13.14 21.62 8.97
C VAL C 69 -13.08 23.15 8.95
N HIS C 70 -12.08 23.74 9.61
CA HIS C 70 -11.93 25.18 9.63
C HIS C 70 -11.72 25.69 8.21
N GLN C 71 -10.93 24.93 7.43
CA GLN C 71 -10.54 25.35 6.10
C GLN C 71 -11.70 25.17 5.13
N LEU C 72 -12.35 23.99 5.18
CA LEU C 72 -13.30 23.60 4.15
C LEU C 72 -14.72 24.08 4.44
N ALA C 73 -15.01 24.58 5.65
CA ALA C 73 -16.38 24.92 5.99
C ALA C 73 -16.84 26.15 5.19
N HIS C 74 -16.02 27.21 5.22
CA HIS C 74 -16.35 28.48 4.59
C HIS C 74 -17.73 28.97 5.03
N GLY C 75 -18.01 28.89 6.34
CA GLY C 75 -19.23 29.43 6.91
C GLY C 75 -20.39 28.43 6.93
N ARG C 76 -20.15 27.21 6.45
CA ARG C 76 -21.14 26.15 6.50
C ARG C 76 -21.15 25.57 7.92
N ASP C 77 -22.23 24.84 8.24
CA ASP C 77 -22.39 24.22 9.54
C ASP C 77 -21.20 23.30 9.80
N ALA C 78 -20.45 23.61 10.87
CA ALA C 78 -19.25 22.88 11.25
C ALA C 78 -19.55 21.38 11.37
N GLU C 79 -20.62 21.04 12.09
CA GLU C 79 -20.93 19.66 12.42
C GLU C 79 -21.12 18.85 11.15
N GLU C 80 -21.91 19.39 10.22
CA GLU C 80 -22.23 18.69 9.00
C GLU C 80 -20.99 18.61 8.11
N VAL C 81 -20.12 19.64 8.12
CA VAL C 81 -18.88 19.60 7.35
C VAL C 81 -17.99 18.50 7.90
N ARG C 82 -17.86 18.47 9.23
CA ARG C 82 -17.03 17.50 9.92
C ARG C 82 -17.51 16.07 9.61
N THR C 83 -18.82 15.86 9.65
CA THR C 83 -19.38 14.57 9.32
C THR C 83 -18.88 14.12 7.94
N GLU C 84 -18.93 15.05 6.97
CA GLU C 84 -18.47 14.74 5.61
C GLU C 84 -16.97 14.46 5.60
N VAL C 85 -16.20 15.32 6.28
CA VAL C 85 -14.75 15.18 6.25
C VAL C 85 -14.34 13.82 6.79
N LEU C 86 -15.02 13.33 7.85
CA LEU C 86 -14.63 12.09 8.51
C LEU C 86 -14.88 10.89 7.59
N LYS C 87 -15.89 10.96 6.73
CA LYS C 87 -16.15 9.89 5.76
C LYS C 87 -15.00 9.77 4.76
N CYS C 88 -14.21 10.83 4.60
CA CYS C 88 -13.10 10.84 3.66
C CYS C 88 -11.77 10.49 4.33
N VAL C 89 -11.79 10.35 5.65
CA VAL C 89 -10.60 10.11 6.47
C VAL C 89 -10.45 8.61 6.69
N ASP C 90 -9.26 8.10 6.35
CA ASP C 90 -8.94 6.69 6.50
C ASP C 90 -7.53 6.57 7.06
N LYS C 91 -7.07 5.34 7.23
CA LYS C 91 -5.73 5.09 7.76
C LYS C 91 -4.75 5.02 6.58
N ASN C 92 -3.47 4.89 6.93
CA ASN C 92 -2.39 4.84 5.96
C ASN C 92 -2.17 3.39 5.54
N THR C 93 -3.10 2.89 4.71
CA THR C 93 -3.23 1.48 4.43
C THR C 93 -2.00 0.94 3.67
N ASP C 94 -1.34 1.74 2.83
CA ASP C 94 -0.20 1.26 2.07
C ASP C 94 1.10 1.97 2.47
N ASN C 95 1.11 2.64 3.64
CA ASN C 95 2.33 3.16 4.23
C ASN C 95 3.00 4.16 3.29
N ASN C 96 2.17 4.90 2.53
CA ASN C 96 2.67 5.91 1.61
C ASN C 96 1.86 7.19 1.86
N ALA C 97 2.53 8.17 2.47
CA ALA C 97 1.91 9.37 2.95
C ALA C 97 1.38 10.24 1.80
N CYS C 98 1.98 10.11 0.60
CA CYS C 98 1.54 10.83 -0.57
C CYS C 98 0.20 10.27 -1.06
N HIS C 99 0.09 8.94 -1.09
CA HIS C 99 -1.15 8.26 -1.42
C HIS C 99 -2.23 8.63 -0.42
N TRP C 100 -1.86 8.60 0.87
CA TRP C 100 -2.76 8.92 1.97
C TRP C 100 -3.37 10.31 1.81
N ALA C 101 -2.51 11.30 1.56
CA ALA C 101 -2.95 12.67 1.41
C ALA C 101 -3.90 12.78 0.23
N PHE C 102 -3.53 12.16 -0.91
CA PHE C 102 -4.30 12.31 -2.13
C PHE C 102 -5.66 11.61 -2.00
N ARG C 103 -5.70 10.45 -1.32
CA ARG C 103 -6.94 9.73 -1.10
C ARG C 103 -7.99 10.68 -0.51
N GLY C 104 -7.59 11.43 0.53
CA GLY C 104 -8.48 12.39 1.17
C GLY C 104 -8.86 13.53 0.21
N PHE C 105 -7.85 14.17 -0.36
CA PHE C 105 -8.05 15.22 -1.36
C PHE C 105 -9.13 14.78 -2.36
N LYS C 106 -8.96 13.57 -2.89
CA LYS C 106 -9.82 13.07 -3.95
C LYS C 106 -11.26 12.93 -3.44
N CYS C 107 -11.38 12.48 -2.19
CA CYS C 107 -12.68 12.30 -1.56
C CYS C 107 -13.31 13.66 -1.21
N PHE C 108 -12.49 14.66 -0.88
CA PHE C 108 -12.99 16.00 -0.63
C PHE C 108 -13.63 16.58 -1.89
N GLN C 109 -12.97 16.37 -3.03
CA GLN C 109 -13.43 16.87 -4.32
C GLN C 109 -14.76 16.22 -4.66
N LYS C 110 -14.80 14.89 -4.58
CA LYS C 110 -15.98 14.11 -4.91
C LYS C 110 -17.20 14.61 -4.14
N ASN C 111 -16.97 15.17 -2.94
CA ASN C 111 -18.05 15.63 -2.08
C ASN C 111 -18.08 17.15 -2.04
N ASN C 112 -17.55 17.78 -3.11
CA ASN C 112 -17.50 19.22 -3.28
C ASN C 112 -17.22 19.94 -1.96
N LEU C 113 -16.16 19.50 -1.27
CA LEU C 113 -15.53 20.31 -0.24
C LEU C 113 -14.30 20.95 -0.88
N SER C 114 -14.24 22.29 -0.88
CA SER C 114 -13.14 23.00 -1.51
C SER C 114 -12.30 23.75 -0.48
N LEU C 115 -10.99 23.75 -0.70
CA LEU C 115 -10.04 24.48 0.14
C LEU C 115 -10.25 25.98 -0.04
N ILE C 116 -10.46 26.39 -1.30
CA ILE C 116 -10.60 27.79 -1.67
C ILE C 116 -12.00 27.99 -2.21
N LYS C 117 -12.78 28.89 -1.59
CA LYS C 117 -14.08 29.25 -2.12
C LYS C 117 -14.29 30.76 -1.97
N ALA C 118 -15.13 31.31 -2.84
CA ALA C 118 -15.48 32.72 -2.78
C ALA C 118 -16.34 32.94 -1.53
N SER C 119 -16.19 34.11 -0.91
CA SER C 119 -16.97 34.45 0.27
C SER C 119 -17.40 35.91 0.17
N ILE C 120 -18.69 36.16 0.41
CA ILE C 120 -19.27 37.48 0.21
C ILE C 120 -19.36 38.18 1.56
N LYS C 121 -18.80 39.39 1.63
CA LYS C 121 -18.49 40.05 2.90
C LYS C 121 -19.51 41.15 3.22
N LYS C 122 -19.58 41.49 4.51
CA LYS C 122 -20.39 42.61 4.99
C LYS C 122 -19.48 43.82 5.16
N ASP C 123 -18.90 44.29 4.04
CA ASP C 123 -18.06 45.47 4.01
C ASP C 123 -18.65 46.48 3.02
CA GLU D 2 20.00 -38.16 17.96
C GLU D 2 18.90 -37.38 18.69
N PHE D 3 19.12 -36.07 18.84
CA PHE D 3 18.14 -35.15 19.39
C PHE D 3 17.23 -34.66 18.26
N THR D 4 15.92 -34.56 18.55
CA THR D 4 14.96 -33.99 17.61
C THR D 4 14.35 -32.70 18.18
N VAL D 5 13.94 -31.82 17.27
CA VAL D 5 13.32 -30.55 17.59
C VAL D 5 11.89 -30.79 18.07
N SER D 6 11.40 -29.88 18.93
CA SER D 6 10.02 -29.89 19.39
C SER D 6 9.24 -28.77 18.69
N THR D 7 7.95 -29.02 18.42
CA THR D 7 7.09 -28.08 17.70
C THR D 7 5.96 -27.60 18.62
N THR D 8 4.94 -26.95 18.04
CA THR D 8 3.81 -26.43 18.80
C THR D 8 3.05 -27.56 19.48
N GLU D 9 2.95 -28.72 18.80
CA GLU D 9 2.17 -29.85 19.29
C GLU D 9 2.90 -30.51 20.46
N ASP D 10 4.23 -30.58 20.38
CA ASP D 10 5.03 -31.10 21.48
C ASP D 10 4.82 -30.20 22.71
N LEU D 11 4.86 -28.88 22.50
CA LEU D 11 4.68 -27.92 23.58
C LEU D 11 3.29 -28.04 24.19
N GLN D 12 2.28 -28.31 23.35
CA GLN D 12 0.93 -28.53 23.82
C GLN D 12 0.93 -29.75 24.76
N ARG D 13 1.47 -30.88 24.28
CA ARG D 13 1.57 -32.10 25.05
C ARG D 13 2.32 -31.83 26.35
N TYR D 14 3.55 -31.32 26.25
CA TYR D 14 4.43 -31.15 27.40
C TYR D 14 3.83 -30.18 28.40
N ARG D 15 3.03 -29.22 27.91
CA ARG D 15 2.39 -28.24 28.77
C ARG D 15 1.45 -28.93 29.75
N THR D 16 0.57 -29.82 29.26
CA THR D 16 -0.47 -30.39 30.11
C THR D 16 0.11 -31.50 30.98
N GLU D 17 1.08 -32.25 30.44
CA GLU D 17 1.81 -33.24 31.22
C GLU D 17 2.42 -32.61 32.47
N CYS D 18 3.01 -31.42 32.30
CA CYS D 18 3.69 -30.71 33.37
C CYS D 18 2.68 -30.08 34.34
N VAL D 19 1.62 -29.48 33.78
CA VAL D 19 0.62 -28.79 34.57
C VAL D 19 -0.05 -29.78 35.53
N SER D 20 -0.26 -31.03 35.08
CA SER D 20 -0.77 -32.09 35.93
C SER D 20 0.25 -32.54 36.97
N SER D 21 1.51 -32.74 36.55
CA SER D 21 2.53 -33.27 37.44
C SER D 21 2.94 -32.25 38.50
N LEU D 22 2.92 -30.95 38.14
CA LEU D 22 3.24 -29.88 39.08
C LEU D 22 1.98 -29.23 39.65
N ASN D 23 0.79 -29.71 39.22
CA ASN D 23 -0.45 -29.26 39.80
C ASN D 23 -0.54 -27.73 39.68
N ILE D 24 -0.37 -27.23 38.45
CA ILE D 24 -0.25 -25.80 38.22
C ILE D 24 -1.64 -25.19 38.15
N PRO D 25 -1.97 -24.15 38.95
CA PRO D 25 -3.24 -23.45 38.84
C PRO D 25 -3.46 -22.82 37.46
N ALA D 26 -4.66 -22.99 36.90
CA ALA D 26 -5.04 -22.46 35.60
C ALA D 26 -4.76 -20.95 35.51
N ASP D 27 -4.87 -20.26 36.65
CA ASP D 27 -4.38 -18.90 36.79
C ASP D 27 -3.05 -18.73 36.05
N TYR D 28 -2.12 -19.67 36.27
CA TYR D 28 -0.80 -19.62 35.67
C TYR D 28 -0.80 -20.08 34.21
N VAL D 29 -1.59 -21.12 33.91
CA VAL D 29 -1.60 -21.70 32.57
C VAL D 29 -1.96 -20.63 31.55
N GLU D 30 -2.99 -19.81 31.85
CA GLU D 30 -3.50 -18.82 30.92
C GLU D 30 -2.43 -17.75 30.67
N LYS D 31 -1.58 -17.49 31.67
CA LYS D 31 -0.50 -16.52 31.51
C LYS D 31 0.61 -17.10 30.64
N PHE D 32 0.84 -18.42 30.75
CA PHE D 32 1.90 -19.07 29.99
C PHE D 32 1.56 -19.15 28.50
N LYS D 33 0.27 -19.13 28.15
CA LYS D 33 -0.14 -19.10 26.76
C LYS D 33 0.19 -17.73 26.16
N LYS D 34 0.18 -16.69 26.99
CA LYS D 34 0.40 -15.32 26.55
C LYS D 34 1.89 -14.97 26.55
N TRP D 35 2.74 -15.89 27.04
CA TRP D 35 4.17 -15.67 27.21
C TRP D 35 4.41 -14.64 28.30
N GLU D 36 3.62 -14.76 29.38
CA GLU D 36 3.89 -14.07 30.63
C GLU D 36 4.39 -15.11 31.63
N PHE D 37 5.40 -14.73 32.41
CA PHE D 37 6.15 -15.67 33.23
C PHE D 37 6.41 -15.05 34.60
N PRO D 38 5.45 -15.16 35.55
CA PRO D 38 5.62 -14.63 36.90
C PRO D 38 6.87 -15.19 37.57
N GLU D 39 7.69 -14.30 38.15
CA GLU D 39 8.94 -14.67 38.78
C GLU D 39 8.64 -15.38 40.10
N ASP D 40 8.25 -16.65 40.02
CA ASP D 40 8.03 -17.45 41.22
C ASP D 40 8.25 -18.91 40.88
N ASP D 41 8.03 -19.78 41.86
CA ASP D 41 8.51 -21.15 41.78
C ASP D 41 7.60 -21.99 40.88
N THR D 42 6.30 -21.71 40.93
CA THR D 42 5.32 -22.39 40.09
C THR D 42 5.75 -22.33 38.62
N THR D 43 6.06 -21.11 38.15
CA THR D 43 6.50 -20.88 36.79
C THR D 43 7.89 -21.47 36.56
N MET D 44 8.81 -21.23 37.51
CA MET D 44 10.19 -21.65 37.36
C MET D 44 10.28 -23.16 37.18
N CYS D 45 9.51 -23.89 37.99
CA CYS D 45 9.54 -25.34 37.90
C CYS D 45 8.79 -25.82 36.64
N TYR D 46 7.83 -25.02 36.16
CA TYR D 46 7.13 -25.34 34.91
C TYR D 46 8.10 -25.25 33.74
N ILE D 47 8.83 -24.13 33.65
CA ILE D 47 9.81 -23.94 32.60
C ILE D 47 10.83 -25.09 32.63
N LYS D 48 11.32 -25.41 33.84
CA LYS D 48 12.27 -26.51 34.00
C LYS D 48 11.68 -27.81 33.46
N CYS D 49 10.41 -28.05 33.80
CA CYS D 49 9.68 -29.25 33.42
C CYS D 49 9.64 -29.38 31.90
N VAL D 50 9.27 -28.30 31.21
CA VAL D 50 9.13 -28.33 29.77
C VAL D 50 10.50 -28.53 29.14
N PHE D 51 11.52 -27.83 29.63
CA PHE D 51 12.87 -27.95 29.12
C PHE D 51 13.41 -29.36 29.34
N ASN D 52 13.08 -29.96 30.49
CA ASN D 52 13.45 -31.34 30.79
C ASN D 52 12.96 -32.26 29.68
N LYS D 53 11.67 -32.15 29.35
CA LYS D 53 11.03 -33.06 28.42
C LYS D 53 11.49 -32.78 26.99
N MET D 54 11.83 -31.52 26.69
CA MET D 54 12.32 -31.13 25.38
C MET D 54 13.80 -31.50 25.22
N GLN D 55 14.48 -31.91 26.31
CA GLN D 55 15.91 -32.22 26.33
C GLN D 55 16.72 -30.94 26.09
N LEU D 56 16.29 -29.84 26.72
CA LEU D 56 16.96 -28.55 26.66
C LEU D 56 17.65 -28.23 27.99
N PHE D 57 17.37 -29.00 29.04
CA PHE D 57 17.88 -28.69 30.36
C PHE D 57 17.94 -29.97 31.19
N ASP D 58 19.05 -30.14 31.90
CA ASP D 58 19.30 -31.27 32.78
C ASP D 58 19.58 -30.70 34.18
N ASP D 59 18.96 -31.29 35.20
CA ASP D 59 18.89 -30.65 36.50
C ASP D 59 20.26 -30.64 37.19
N THR D 60 21.16 -31.54 36.80
CA THR D 60 22.53 -31.50 37.28
C THR D 60 23.41 -30.71 36.31
N GLU D 61 23.35 -31.00 35.01
CA GLU D 61 24.34 -30.49 34.06
C GLU D 61 23.97 -29.09 33.56
N GLY D 62 22.69 -28.72 33.66
CA GLY D 62 22.24 -27.38 33.34
C GLY D 62 21.71 -27.28 31.91
N PRO D 63 21.73 -26.08 31.28
CA PRO D 63 21.23 -25.92 29.93
C PRO D 63 22.04 -26.80 28.98
N LEU D 64 21.36 -27.42 28.01
CA LEU D 64 22.01 -28.35 27.09
C LEU D 64 22.24 -27.60 25.77
N VAL D 65 23.48 -27.11 25.61
CA VAL D 65 23.78 -26.05 24.66
C VAL D 65 23.50 -26.51 23.22
N ASP D 66 24.06 -27.66 22.83
CA ASP D 66 23.85 -28.15 21.47
C ASP D 66 22.36 -28.29 21.20
N ASN D 67 21.63 -28.88 22.15
CA ASN D 67 20.22 -29.15 21.99
C ASN D 67 19.43 -27.84 21.89
N LEU D 68 19.81 -26.85 22.71
CA LEU D 68 19.18 -25.55 22.68
C LEU D 68 19.40 -24.87 21.32
N VAL D 69 20.65 -24.87 20.84
CA VAL D 69 20.97 -24.19 19.60
C VAL D 69 20.20 -24.81 18.46
N HIS D 70 20.11 -26.14 18.47
CA HIS D 70 19.52 -26.90 17.37
C HIS D 70 18.01 -26.71 17.38
N GLN D 71 17.41 -26.62 18.57
CA GLN D 71 16.01 -26.23 18.70
C GLN D 71 15.78 -24.86 18.06
N LEU D 72 16.57 -23.87 18.46
CA LEU D 72 16.35 -22.49 18.03
C LEU D 72 16.61 -22.33 16.52
N ALA D 73 17.52 -23.14 15.95
CA ALA D 73 18.03 -22.87 14.61
C ALA D 73 17.66 -23.97 13.60
N HIS D 74 17.22 -25.13 14.08
CA HIS D 74 16.90 -26.32 13.23
C HIS D 74 18.16 -26.74 12.46
N GLY D 75 19.34 -26.63 13.09
CA GLY D 75 20.65 -26.84 12.45
C GLY D 75 20.76 -26.08 11.13
N ARG D 76 20.72 -24.75 11.19
CA ARG D 76 20.86 -23.84 10.02
C ARG D 76 21.86 -22.71 10.32
N ASP D 77 21.56 -21.85 11.29
CA ASP D 77 22.40 -20.68 11.68
C ASP D 77 23.09 -20.99 13.02
N ALA D 78 23.73 -22.16 13.12
CA ALA D 78 24.23 -22.66 14.40
C ALA D 78 25.08 -21.60 15.09
N GLU D 79 26.11 -21.12 14.39
CA GLU D 79 27.19 -20.36 15.01
C GLU D 79 26.69 -19.08 15.66
N GLU D 80 25.73 -18.39 15.03
CA GLU D 80 25.21 -17.13 15.56
C GLU D 80 24.36 -17.36 16.80
N VAL D 81 23.47 -18.35 16.71
CA VAL D 81 22.56 -18.69 17.79
C VAL D 81 23.38 -19.14 18.99
N ARG D 82 24.45 -19.89 18.73
CA ARG D 82 25.31 -20.41 19.78
C ARG D 82 25.81 -19.28 20.67
N THR D 83 26.22 -18.17 20.05
CA THR D 83 26.80 -17.06 20.80
C THR D 83 25.74 -16.46 21.71
N GLU D 84 24.54 -16.23 21.17
CA GLU D 84 23.42 -15.69 21.92
C GLU D 84 23.12 -16.60 23.11
N VAL D 85 23.05 -17.91 22.84
CA VAL D 85 22.70 -18.91 23.84
C VAL D 85 23.69 -18.85 25.00
N LEU D 86 24.99 -18.89 24.65
CA LEU D 86 26.06 -18.97 25.63
C LEU D 86 26.07 -17.74 26.54
N LYS D 87 25.69 -16.58 26.00
CA LYS D 87 25.55 -15.36 26.80
C LYS D 87 24.67 -15.61 28.03
N CYS D 88 23.70 -16.52 27.90
CA CYS D 88 22.67 -16.74 28.92
C CYS D 88 22.87 -18.05 29.68
N VAL D 89 24.04 -18.66 29.53
CA VAL D 89 24.39 -19.88 30.26
C VAL D 89 25.22 -19.46 31.48
N ASP D 90 24.74 -19.86 32.66
CA ASP D 90 25.46 -19.61 33.90
C ASP D 90 25.44 -20.91 34.71
N LYS D 91 25.98 -20.86 35.93
CA LYS D 91 26.06 -22.00 36.82
C LYS D 91 24.85 -22.04 37.75
N ASN D 92 24.74 -23.15 38.50
CA ASN D 92 23.65 -23.36 39.46
C ASN D 92 23.97 -22.68 40.79
N THR D 93 24.04 -21.34 40.77
CA THR D 93 24.68 -20.59 41.83
C THR D 93 23.86 -20.64 43.13
N ASP D 94 22.55 -20.89 43.06
CA ASP D 94 21.73 -20.95 44.27
C ASP D 94 21.14 -22.36 44.47
N ASN D 95 21.68 -23.35 43.76
CA ASN D 95 21.37 -24.76 44.00
C ASN D 95 19.86 -24.96 43.97
N ASN D 96 19.28 -24.62 42.81
CA ASN D 96 17.84 -24.55 42.58
C ASN D 96 17.64 -24.67 41.07
N ALA D 97 17.40 -25.90 40.59
CA ALA D 97 17.37 -26.20 39.18
C ALA D 97 16.19 -25.51 38.50
N CYS D 98 15.06 -25.39 39.21
CA CYS D 98 13.94 -24.62 38.68
C CYS D 98 14.41 -23.20 38.37
N HIS D 99 15.07 -22.55 39.34
CA HIS D 99 15.57 -21.19 39.14
C HIS D 99 16.57 -21.16 37.98
N TRP D 100 17.56 -22.06 38.02
CA TRP D 100 18.55 -22.22 36.95
C TRP D 100 17.91 -22.11 35.56
N ALA D 101 16.97 -23.02 35.26
CA ALA D 101 16.42 -23.12 33.92
C ALA D 101 15.72 -21.82 33.54
N PHE D 102 14.93 -21.30 34.47
CA PHE D 102 14.16 -20.09 34.26
C PHE D 102 15.08 -18.91 33.96
N ARG D 103 16.19 -18.82 34.71
CA ARG D 103 17.11 -17.70 34.58
C ARG D 103 17.60 -17.63 33.14
N GLY D 104 18.00 -18.79 32.59
CA GLY D 104 18.46 -18.90 31.22
C GLY D 104 17.38 -18.47 30.23
N PHE D 105 16.19 -19.07 30.39
CA PHE D 105 15.03 -18.71 29.61
C PHE D 105 14.84 -17.19 29.63
N LYS D 106 14.69 -16.63 30.84
CA LYS D 106 14.43 -15.22 31.04
C LYS D 106 15.48 -14.37 30.34
N CYS D 107 16.77 -14.77 30.47
CA CYS D 107 17.88 -14.04 29.88
C CYS D 107 17.76 -14.01 28.36
N PHE D 108 17.30 -15.11 27.76
CA PHE D 108 17.33 -15.23 26.31
C PHE D 108 16.14 -14.53 25.68
N GLN D 109 14.96 -14.65 26.31
CA GLN D 109 13.74 -14.11 25.72
C GLN D 109 13.78 -12.58 25.78
N LYS D 110 14.43 -12.03 26.80
CA LYS D 110 14.63 -10.58 26.90
C LYS D 110 14.90 -10.02 25.51
N ASN D 111 15.88 -10.61 24.79
CA ASN D 111 16.37 -10.06 23.54
C ASN D 111 15.96 -10.90 22.32
N ASN D 112 15.42 -12.13 22.51
CA ASN D 112 15.24 -13.04 21.39
C ASN D 112 13.91 -13.81 21.49
N LEU D 113 12.87 -13.19 22.07
CA LEU D 113 11.59 -13.84 22.26
C LEU D 113 11.03 -14.37 20.95
N SER D 114 11.20 -13.60 19.86
CA SER D 114 10.60 -13.93 18.58
C SER D 114 11.19 -15.22 18.01
N LEU D 115 12.44 -15.52 18.37
CA LEU D 115 13.12 -16.70 17.85
C LEU D 115 12.66 -17.95 18.60
N ILE D 116 12.38 -17.79 19.90
CA ILE D 116 11.78 -18.86 20.69
C ILE D 116 10.42 -19.23 20.09
N LYS D 117 9.56 -18.21 19.92
CA LYS D 117 8.25 -18.45 19.35
C LYS D 117 8.39 -19.10 17.98
N ALA D 118 9.31 -18.58 17.16
CA ALA D 118 9.59 -19.09 15.82
C ALA D 118 10.02 -20.55 15.89
N SER D 119 10.93 -20.88 16.82
CA SER D 119 11.55 -22.19 16.85
C SER D 119 10.50 -23.28 17.05
N ILE D 120 9.37 -22.91 17.66
CA ILE D 120 8.24 -23.81 17.82
C ILE D 120 7.54 -23.97 16.47
N LYS D 121 7.27 -22.82 15.82
CA LYS D 121 6.63 -22.80 14.50
C LYS D 121 7.58 -23.39 13.46
N GLU E 2 49.09 -9.21 0.52
CA GLU E 2 48.90 -8.76 1.93
C GLU E 2 47.41 -8.47 2.19
N PHE E 3 46.76 -7.69 1.31
CA PHE E 3 45.48 -7.08 1.63
C PHE E 3 44.32 -7.74 0.91
N THR E 4 43.29 -8.06 1.70
CA THR E 4 41.98 -8.48 1.20
C THR E 4 40.92 -7.59 1.88
N VAL E 5 39.73 -7.50 1.27
CA VAL E 5 38.68 -6.65 1.82
C VAL E 5 38.10 -7.35 3.05
N SER E 6 37.69 -6.53 4.04
CA SER E 6 37.07 -7.02 5.25
C SER E 6 35.56 -7.15 5.05
N THR E 7 35.00 -8.27 5.49
CA THR E 7 33.57 -8.50 5.50
C THR E 7 33.04 -8.25 6.90
N THR E 8 31.70 -8.35 7.05
CA THR E 8 31.06 -8.19 8.34
C THR E 8 31.62 -9.15 9.39
N GLU E 9 32.12 -10.32 8.94
CA GLU E 9 32.65 -11.32 9.86
C GLU E 9 34.00 -10.88 10.41
N ASP E 10 34.82 -10.30 9.55
CA ASP E 10 36.11 -9.76 9.96
C ASP E 10 35.87 -8.66 10.98
N LEU E 11 34.96 -7.73 10.63
CA LEU E 11 34.61 -6.62 11.50
C LEU E 11 34.17 -7.14 12.87
N GLN E 12 33.39 -8.22 12.88
CA GLN E 12 32.86 -8.78 14.12
C GLN E 12 34.01 -9.30 14.97
N ARG E 13 34.98 -9.93 14.31
CA ARG E 13 36.14 -10.52 14.98
C ARG E 13 37.05 -9.41 15.49
N TYR E 14 37.26 -8.38 14.67
CA TYR E 14 38.11 -7.25 15.05
C TYR E 14 37.46 -6.46 16.20
N ARG E 15 36.13 -6.36 16.19
N ARG E 15 36.13 -6.37 16.19
CA ARG E 15 35.42 -5.75 17.31
CA ARG E 15 35.38 -5.77 17.29
C ARG E 15 35.78 -6.46 18.61
C ARG E 15 35.73 -6.47 18.60
N THR E 16 35.71 -7.80 18.57
CA THR E 16 35.97 -8.61 19.75
C THR E 16 37.43 -8.50 20.17
N GLU E 17 38.36 -8.47 19.20
CA GLU E 17 39.77 -8.32 19.50
C GLU E 17 40.01 -6.97 20.17
N CYS E 18 39.37 -5.92 19.67
CA CYS E 18 39.58 -4.58 20.19
C CYS E 18 38.94 -4.42 21.57
N VAL E 19 37.74 -4.99 21.77
CA VAL E 19 37.05 -4.89 23.04
C VAL E 19 37.97 -5.41 24.15
N SER E 20 38.63 -6.53 23.87
CA SER E 20 39.47 -7.21 24.83
C SER E 20 40.74 -6.40 25.09
N SER E 21 41.42 -6.02 24.00
CA SER E 21 42.69 -5.31 24.12
C SER E 21 42.50 -3.89 24.67
N LEU E 22 41.37 -3.22 24.40
CA LEU E 22 41.20 -1.84 24.82
C LEU E 22 40.42 -1.71 26.14
N ASN E 23 39.90 -2.83 26.68
CA ASN E 23 39.13 -2.81 27.92
C ASN E 23 37.87 -1.96 27.75
N ILE E 24 37.12 -2.23 26.68
CA ILE E 24 35.98 -1.40 26.33
C ILE E 24 34.84 -1.69 27.28
N PRO E 25 34.31 -0.69 28.02
CA PRO E 25 33.21 -0.91 28.96
C PRO E 25 31.90 -1.34 28.30
N ALA E 26 31.08 -2.04 29.07
CA ALA E 26 29.87 -2.70 28.59
C ALA E 26 29.03 -1.78 27.72
N ASP E 27 28.76 -0.56 28.22
CA ASP E 27 27.81 0.35 27.58
C ASP E 27 28.31 0.76 26.19
N TYR E 28 29.64 0.81 25.99
CA TYR E 28 30.20 1.16 24.70
C TYR E 28 30.01 0.02 23.69
N VAL E 29 30.29 -1.21 24.12
CA VAL E 29 30.25 -2.37 23.25
C VAL E 29 28.87 -2.49 22.61
N GLU E 30 27.84 -2.26 23.43
CA GLU E 30 26.46 -2.30 22.97
C GLU E 30 26.24 -1.26 21.87
N LYS E 31 26.89 -0.09 21.99
CA LYS E 31 26.80 0.92 20.95
C LYS E 31 27.53 0.44 19.69
N PHE E 32 28.72 -0.11 19.87
CA PHE E 32 29.59 -0.46 18.76
C PHE E 32 28.94 -1.55 17.90
N LYS E 33 28.23 -2.47 18.55
CA LYS E 33 27.53 -3.53 17.84
C LYS E 33 26.51 -2.92 16.86
N LYS E 34 25.93 -1.79 17.25
CA LYS E 34 24.89 -1.11 16.48
C LYS E 34 25.49 -0.16 15.45
N TRP E 35 26.83 -0.06 15.40
CA TRP E 35 27.52 0.92 14.57
C TRP E 35 27.16 2.33 15.02
N GLU E 36 27.04 2.51 16.34
CA GLU E 36 26.91 3.83 16.95
C GLU E 36 28.23 4.22 17.61
N PHE E 37 28.73 5.43 17.30
CA PHE E 37 30.09 5.81 17.62
C PHE E 37 30.11 7.19 18.29
N PRO E 38 30.10 7.26 19.64
CA PRO E 38 30.23 8.55 20.32
C PRO E 38 31.57 9.18 19.99
N GLU E 39 31.61 10.52 19.97
CA GLU E 39 32.83 11.22 19.62
C GLU E 39 33.62 11.52 20.89
N ASP E 40 34.36 10.51 21.36
CA ASP E 40 35.14 10.60 22.59
C ASP E 40 36.30 9.61 22.47
N ASP E 41 37.15 9.55 23.51
CA ASP E 41 38.46 8.92 23.41
C ASP E 41 38.34 7.40 23.37
N THR E 42 37.42 6.82 24.15
CA THR E 42 37.19 5.39 24.10
C THR E 42 36.92 4.98 22.65
N THR E 43 36.02 5.72 22.00
CA THR E 43 35.48 5.34 20.71
C THR E 43 36.50 5.66 19.62
N MET E 44 37.24 6.76 19.79
CA MET E 44 38.19 7.17 18.76
C MET E 44 39.33 6.15 18.68
N CYS E 45 39.76 5.61 19.83
CA CYS E 45 40.80 4.59 19.83
C CYS E 45 40.25 3.24 19.37
N TYR E 46 38.95 3.01 19.54
CA TYR E 46 38.29 1.81 19.04
C TYR E 46 38.34 1.76 17.52
N ILE E 47 37.97 2.88 16.88
CA ILE E 47 37.99 2.99 15.44
C ILE E 47 39.42 2.80 14.91
N LYS E 48 40.42 3.38 15.61
CA LYS E 48 41.79 3.21 15.15
C LYS E 48 42.14 1.72 15.17
N CYS E 49 41.74 1.06 16.26
CA CYS E 49 42.04 -0.34 16.50
C CYS E 49 41.43 -1.24 15.42
N VAL E 50 40.20 -0.92 15.00
CA VAL E 50 39.53 -1.69 13.97
C VAL E 50 40.15 -1.37 12.61
N PHE E 51 40.34 -0.07 12.35
CA PHE E 51 40.93 0.34 11.09
C PHE E 51 42.35 -0.23 10.96
N ASN E 52 43.09 -0.29 12.09
CA ASN E 52 44.39 -0.95 12.16
C ASN E 52 44.29 -2.40 11.66
N LYS E 53 43.36 -3.14 12.25
CA LYS E 53 43.25 -4.57 11.98
C LYS E 53 42.75 -4.81 10.58
N MET E 54 42.01 -3.84 10.02
CA MET E 54 41.47 -3.96 8.68
C MET E 54 42.47 -3.47 7.63
N GLN E 55 43.62 -2.97 8.10
CA GLN E 55 44.69 -2.45 7.27
C GLN E 55 44.14 -1.28 6.45
N LEU E 56 43.33 -0.45 7.12
CA LEU E 56 42.84 0.79 6.54
C LEU E 56 43.55 1.99 7.19
N PHE E 57 44.40 1.75 8.19
CA PHE E 57 45.08 2.84 8.87
C PHE E 57 46.31 2.29 9.59
N ASP E 58 47.39 3.06 9.53
CA ASP E 58 48.61 2.74 10.26
C ASP E 58 48.91 3.95 11.15
N ASP E 59 49.41 3.67 12.37
CA ASP E 59 49.62 4.71 13.36
C ASP E 59 50.68 5.71 12.92
N THR E 60 51.61 5.29 12.05
CA THR E 60 52.68 6.14 11.54
C THR E 60 52.33 6.69 10.16
N GLU E 61 51.87 5.83 9.24
CA GLU E 61 51.64 6.27 7.87
C GLU E 61 50.31 7.00 7.76
N GLY E 62 49.33 6.58 8.57
CA GLY E 62 48.00 7.18 8.54
C GLY E 62 47.00 6.32 7.78
N PRO E 63 45.92 6.91 7.22
CA PRO E 63 44.98 6.14 6.40
C PRO E 63 45.69 5.58 5.17
N LEU E 64 45.40 4.32 4.88
CA LEU E 64 46.07 3.57 3.81
C LEU E 64 45.17 3.57 2.57
N VAL E 65 45.52 4.42 1.59
CA VAL E 65 44.62 4.80 0.52
C VAL E 65 44.29 3.61 -0.38
N ASP E 66 45.30 2.80 -0.75
CA ASP E 66 45.04 1.72 -1.70
C ASP E 66 44.11 0.70 -1.05
N ASN E 67 44.40 0.36 0.22
CA ASN E 67 43.60 -0.59 0.96
C ASN E 67 42.18 -0.06 1.09
N LEU E 68 42.06 1.22 1.48
CA LEU E 68 40.78 1.88 1.63
C LEU E 68 39.96 1.84 0.34
N VAL E 69 40.59 2.05 -0.81
CA VAL E 69 39.88 2.16 -2.06
C VAL E 69 39.23 0.82 -2.38
N HIS E 70 39.98 -0.28 -2.19
CA HIS E 70 39.47 -1.62 -2.43
C HIS E 70 38.30 -1.89 -1.50
N GLN E 71 38.44 -1.47 -0.24
CA GLN E 71 37.41 -1.66 0.77
C GLN E 71 36.15 -0.88 0.42
N LEU E 72 36.33 0.41 0.07
CA LEU E 72 35.22 1.36 0.03
C LEU E 72 34.53 1.40 -1.34
N ALA E 73 35.14 0.80 -2.38
CA ALA E 73 34.66 1.01 -3.74
C ALA E 73 33.39 0.19 -4.00
N HIS E 74 33.37 -1.04 -3.49
CA HIS E 74 32.25 -1.95 -3.68
C HIS E 74 31.82 -1.97 -5.15
N GLY E 75 32.79 -2.19 -6.04
CA GLY E 75 32.54 -2.39 -7.45
C GLY E 75 32.38 -1.09 -8.24
N ARG E 76 32.65 0.07 -7.62
CA ARG E 76 32.62 1.35 -8.32
C ARG E 76 33.94 1.56 -9.04
N ASP E 77 34.00 2.60 -9.89
CA ASP E 77 35.23 2.96 -10.56
C ASP E 77 36.26 3.39 -9.51
N ALA E 78 37.34 2.61 -9.39
CA ALA E 78 38.36 2.83 -8.38
C ALA E 78 38.92 4.26 -8.46
N GLU E 79 39.05 4.78 -9.68
CA GLU E 79 39.60 6.10 -9.91
C GLU E 79 38.73 7.18 -9.27
N GLU E 80 37.41 7.00 -9.39
CA GLU E 80 36.47 7.97 -8.86
C GLU E 80 36.52 7.92 -7.33
N VAL E 81 36.56 6.70 -6.78
CA VAL E 81 36.52 6.51 -5.35
C VAL E 81 37.86 6.94 -4.74
N ARG E 82 38.96 6.68 -5.45
CA ARG E 82 40.28 7.06 -4.98
C ARG E 82 40.35 8.57 -4.72
N THR E 83 39.76 9.36 -5.62
CA THR E 83 39.85 10.81 -5.51
C THR E 83 39.00 11.30 -4.33
N GLU E 84 37.95 10.55 -3.97
CA GLU E 84 37.10 10.87 -2.84
C GLU E 84 37.83 10.59 -1.53
N VAL E 85 38.49 9.44 -1.46
CA VAL E 85 39.29 9.05 -0.31
C VAL E 85 40.37 10.09 -0.03
N LEU E 86 41.14 10.46 -1.07
CA LEU E 86 42.28 11.33 -0.92
C LEU E 86 41.89 12.66 -0.26
N LYS E 87 40.71 13.17 -0.61
CA LYS E 87 40.24 14.43 -0.06
C LYS E 87 40.08 14.33 1.45
N CYS E 88 39.86 13.11 1.94
CA CYS E 88 39.69 12.89 3.38
C CYS E 88 41.04 12.72 4.08
N VAL E 89 42.08 12.34 3.32
CA VAL E 89 43.39 12.07 3.88
C VAL E 89 44.03 13.40 4.30
N ASP E 90 44.39 13.49 5.59
CA ASP E 90 45.02 14.65 6.18
C ASP E 90 46.21 14.19 7.02
N LYS E 91 46.84 15.13 7.73
CA LYS E 91 48.04 14.85 8.51
C LYS E 91 47.67 14.64 9.96
N ASN E 92 48.55 13.97 10.72
CA ASN E 92 48.35 13.78 12.14
C ASN E 92 48.72 15.06 12.88
N THR E 93 47.85 16.07 12.79
CA THR E 93 48.18 17.42 13.17
C THR E 93 48.36 17.55 14.69
N ASP E 94 47.67 16.71 15.47
CA ASP E 94 47.68 16.83 16.92
C ASP E 94 48.35 15.62 17.58
N ASN E 95 49.10 14.85 16.78
CA ASN E 95 49.91 13.76 17.29
C ASN E 95 49.08 12.78 18.12
N ASN E 96 47.85 12.51 17.66
CA ASN E 96 46.97 11.55 18.32
C ASN E 96 46.38 10.64 17.25
N ALA E 97 46.91 9.41 17.19
CA ALA E 97 46.54 8.43 16.17
C ALA E 97 45.04 8.19 16.18
N CYS E 98 44.44 8.17 17.39
CA CYS E 98 43.02 7.89 17.56
C CYS E 98 42.18 8.99 16.90
N HIS E 99 42.58 10.25 17.12
CA HIS E 99 41.96 11.39 16.47
C HIS E 99 42.13 11.29 14.96
N TRP E 100 43.36 11.02 14.52
CA TRP E 100 43.67 10.82 13.12
C TRP E 100 42.66 9.88 12.47
N ALA E 101 42.56 8.65 13.00
CA ALA E 101 41.73 7.61 12.42
C ALA E 101 40.26 8.08 12.37
N PHE E 102 39.80 8.70 13.47
CA PHE E 102 38.39 9.07 13.60
C PHE E 102 38.03 10.20 12.64
N ARG E 103 38.99 11.10 12.40
CA ARG E 103 38.82 12.18 11.45
C ARG E 103 38.58 11.59 10.06
N GLY E 104 39.35 10.55 9.73
CA GLY E 104 39.24 9.89 8.44
C GLY E 104 37.88 9.20 8.26
N PHE E 105 37.45 8.51 9.32
CA PHE E 105 36.18 7.79 9.36
C PHE E 105 35.02 8.77 9.19
N LYS E 106 35.05 9.86 9.95
CA LYS E 106 34.02 10.88 9.90
C LYS E 106 33.90 11.38 8.46
N CYS E 107 35.04 11.65 7.82
CA CYS E 107 35.07 12.16 6.46
C CYS E 107 34.48 11.14 5.49
N PHE E 108 34.74 9.84 5.73
CA PHE E 108 34.17 8.80 4.90
C PHE E 108 32.65 8.77 5.02
N GLN E 109 32.13 9.05 6.23
CA GLN E 109 30.69 9.05 6.45
C GLN E 109 30.01 10.15 5.62
N LYS E 110 30.56 11.37 5.70
CA LYS E 110 29.94 12.52 5.04
C LYS E 110 29.90 12.29 3.54
N ASN E 111 30.91 11.59 3.00
CA ASN E 111 31.06 11.40 1.57
C ASN E 111 30.29 10.17 1.09
N ASN E 112 29.56 9.50 2.00
CA ASN E 112 28.81 8.29 1.70
C ASN E 112 29.74 7.20 1.16
N LEU E 113 30.87 7.00 1.84
CA LEU E 113 31.69 5.83 1.66
C LEU E 113 31.41 4.88 2.82
N SER E 114 31.16 3.60 2.49
CA SER E 114 30.80 2.61 3.50
C SER E 114 31.86 1.51 3.54
N LEU E 115 32.19 1.05 4.76
CA LEU E 115 33.10 -0.07 4.94
C LEU E 115 32.45 -1.35 4.42
N ILE E 116 31.17 -1.55 4.78
CA ILE E 116 30.44 -2.73 4.39
C ILE E 116 29.25 -2.32 3.53
N LYS E 117 29.09 -3.01 2.40
CA LYS E 117 27.93 -2.83 1.53
C LYS E 117 27.43 -4.23 1.15
N ALA E 118 26.10 -4.38 1.09
CA ALA E 118 25.52 -5.63 0.63
C ALA E 118 25.89 -5.80 -0.83
N SER E 119 26.10 -7.04 -1.26
CA SER E 119 26.55 -7.34 -2.60
C SER E 119 25.58 -8.30 -3.27
N ILE E 120 24.97 -7.85 -4.36
CA ILE E 120 24.09 -8.73 -5.12
C ILE E 120 24.90 -9.43 -6.21
N LYS E 121 24.78 -10.76 -6.25
CA LYS E 121 25.67 -11.63 -7.02
C LYS E 121 24.93 -12.28 -8.18
N LYS E 122 25.70 -12.79 -9.15
CA LYS E 122 25.16 -13.55 -10.27
C LYS E 122 25.23 -15.05 -9.94
N GLU F 2 3.87 2.60 16.80
CA GLU F 2 4.66 3.42 15.84
C GLU F 2 5.87 2.62 15.36
N PHE F 3 6.33 2.94 14.16
CA PHE F 3 7.39 2.20 13.50
C PHE F 3 8.74 2.56 14.12
N THR F 4 9.57 1.54 14.33
CA THR F 4 10.92 1.72 14.85
C THR F 4 11.94 1.19 13.85
N VAL F 5 13.01 1.97 13.63
CA VAL F 5 14.11 1.57 12.76
C VAL F 5 14.73 0.29 13.30
N SER F 6 15.16 -0.57 12.36
CA SER F 6 15.86 -1.79 12.71
C SER F 6 17.36 -1.49 12.83
N THR F 7 18.02 -2.20 13.76
CA THR F 7 19.46 -2.13 13.97
C THR F 7 20.14 -3.42 13.50
N THR F 8 21.47 -3.43 13.63
CA THR F 8 22.31 -4.58 13.30
C THR F 8 21.82 -5.84 13.99
N GLU F 9 21.37 -5.71 15.25
CA GLU F 9 21.03 -6.87 16.03
C GLU F 9 19.63 -7.34 15.67
N ASP F 10 18.74 -6.40 15.34
CA ASP F 10 17.44 -6.72 14.79
C ASP F 10 17.64 -7.57 13.54
N LEU F 11 18.58 -7.14 12.69
CA LEU F 11 18.90 -7.82 11.45
C LEU F 11 19.43 -9.24 11.72
N GLN F 12 20.38 -9.38 12.65
CA GLN F 12 20.91 -10.70 12.96
C GLN F 12 19.81 -11.61 13.48
N ARG F 13 18.98 -11.08 14.40
CA ARG F 13 17.83 -11.81 14.94
C ARG F 13 16.88 -12.23 13.82
N TYR F 14 16.53 -11.29 12.93
CA TYR F 14 15.59 -11.58 11.86
C TYR F 14 16.17 -12.63 10.93
N ARG F 15 17.48 -12.51 10.68
CA ARG F 15 18.19 -13.48 9.87
C ARG F 15 17.99 -14.88 10.43
N THR F 16 18.16 -15.03 11.74
CA THR F 16 18.07 -16.35 12.33
C THR F 16 16.70 -16.95 12.01
N GLU F 17 15.65 -16.20 12.39
CA GLU F 17 14.26 -16.60 12.21
C GLU F 17 13.98 -17.04 10.79
N CYS F 18 14.49 -16.27 9.81
CA CYS F 18 14.17 -16.51 8.40
C CYS F 18 14.98 -17.69 7.85
N VAL F 19 16.22 -17.86 8.32
CA VAL F 19 17.04 -18.99 7.93
C VAL F 19 16.42 -20.30 8.45
N SER F 20 15.79 -20.22 9.63
CA SER F 20 15.13 -21.35 10.25
C SER F 20 13.77 -21.60 9.59
N SER F 21 12.98 -20.53 9.43
CA SER F 21 11.61 -20.68 8.94
C SER F 21 11.61 -21.13 7.47
N LEU F 22 12.63 -20.78 6.69
CA LEU F 22 12.66 -21.11 5.28
C LEU F 22 13.65 -22.23 4.97
N ASN F 23 14.32 -22.81 6.00
CA ASN F 23 15.23 -23.94 5.82
C ASN F 23 16.35 -23.62 4.84
N ILE F 24 17.01 -22.47 5.04
CA ILE F 24 18.03 -22.00 4.12
C ILE F 24 19.29 -22.85 4.28
N PRO F 25 19.91 -23.35 3.18
CA PRO F 25 21.15 -24.12 3.28
C PRO F 25 22.29 -23.30 3.88
N ALA F 26 23.40 -23.98 4.21
CA ALA F 26 24.52 -23.40 4.95
C ALA F 26 25.30 -22.40 4.09
N ASP F 27 25.68 -22.82 2.89
CA ASP F 27 26.46 -21.99 1.98
C ASP F 27 25.73 -20.69 1.64
N TYR F 28 24.40 -20.70 1.81
CA TYR F 28 23.59 -19.50 1.68
C TYR F 28 23.73 -18.64 2.93
N VAL F 29 23.58 -19.26 4.11
CA VAL F 29 23.61 -18.51 5.36
C VAL F 29 24.95 -17.79 5.51
N GLU F 30 26.05 -18.42 5.07
CA GLU F 30 27.36 -17.82 5.20
C GLU F 30 27.44 -16.55 4.36
N LYS F 31 26.92 -16.62 3.13
CA LYS F 31 26.83 -15.45 2.26
C LYS F 31 25.94 -14.39 2.88
N PHE F 32 24.81 -14.82 3.45
CA PHE F 32 23.86 -13.89 4.04
C PHE F 32 24.48 -13.18 5.24
N LYS F 33 25.31 -13.88 6.02
CA LYS F 33 25.99 -13.27 7.15
C LYS F 33 26.91 -12.15 6.67
N LYS F 34 27.49 -12.32 5.48
CA LYS F 34 28.43 -11.36 4.93
C LYS F 34 27.75 -10.39 3.96
N TRP F 35 26.40 -10.37 3.97
CA TRP F 35 25.63 -9.46 3.14
C TRP F 35 25.88 -9.71 1.65
N GLU F 36 26.04 -11.00 1.27
CA GLU F 36 26.16 -11.39 -0.13
C GLU F 36 24.88 -12.12 -0.56
N PHE F 37 24.32 -11.74 -1.72
CA PHE F 37 22.95 -12.11 -2.03
C PHE F 37 22.82 -12.57 -3.47
N PRO F 38 23.00 -13.88 -3.77
CA PRO F 38 22.77 -14.40 -5.11
C PRO F 38 21.33 -14.16 -5.56
N GLU F 39 21.17 -13.78 -6.83
CA GLU F 39 19.84 -13.52 -7.38
C GLU F 39 19.20 -14.84 -7.80
N ASP F 40 18.58 -15.52 -6.84
CA ASP F 40 17.82 -16.75 -7.07
C ASP F 40 16.65 -16.80 -6.10
N ASP F 41 15.81 -17.83 -6.25
CA ASP F 41 14.57 -17.92 -5.49
C ASP F 41 14.87 -17.96 -3.99
N THR F 42 15.88 -18.73 -3.60
CA THR F 42 16.17 -18.96 -2.18
C THR F 42 16.51 -17.64 -1.49
N THR F 43 17.32 -16.80 -2.15
CA THR F 43 17.78 -15.56 -1.57
C THR F 43 16.67 -14.52 -1.58
N MET F 44 15.89 -14.51 -2.66
CA MET F 44 14.82 -13.54 -2.82
C MET F 44 13.77 -13.74 -1.74
N CYS F 45 13.50 -14.99 -1.35
CA CYS F 45 12.48 -15.20 -0.33
C CYS F 45 13.01 -14.89 1.07
N TYR F 46 14.31 -15.05 1.28
CA TYR F 46 14.95 -14.64 2.53
C TYR F 46 14.84 -13.11 2.68
N ILE F 47 15.12 -12.36 1.62
CA ILE F 47 15.06 -10.91 1.66
C ILE F 47 13.63 -10.48 2.00
N LYS F 48 12.62 -11.08 1.34
CA LYS F 48 11.24 -10.77 1.66
C LYS F 48 10.98 -11.00 3.15
N CYS F 49 11.41 -12.17 3.64
CA CYS F 49 11.22 -12.52 5.03
C CYS F 49 11.83 -11.46 5.95
N VAL F 50 13.04 -11.01 5.64
CA VAL F 50 13.69 -10.05 6.54
C VAL F 50 13.00 -8.69 6.42
N PHE F 51 12.73 -8.25 5.19
CA PHE F 51 12.02 -6.99 4.97
C PHE F 51 10.68 -7.00 5.69
N ASN F 52 9.93 -8.12 5.63
CA ASN F 52 8.66 -8.25 6.34
C ASN F 52 8.86 -7.98 7.85
N LYS F 53 9.87 -8.62 8.43
CA LYS F 53 10.10 -8.54 9.87
C LYS F 53 10.54 -7.13 10.26
N MET F 54 11.25 -6.45 9.35
CA MET F 54 11.64 -5.07 9.56
C MET F 54 10.52 -4.08 9.27
N GLN F 55 9.36 -4.57 8.79
CA GLN F 55 8.21 -3.74 8.42
C GLN F 55 8.54 -2.83 7.24
N LEU F 56 9.39 -3.29 6.31
CA LEU F 56 9.76 -2.54 5.12
C LEU F 56 9.08 -3.10 3.87
N PHE F 57 8.35 -4.22 4.02
CA PHE F 57 7.68 -4.83 2.88
C PHE F 57 6.49 -5.61 3.41
N ASP F 58 5.37 -5.49 2.68
CA ASP F 58 4.13 -6.22 2.92
C ASP F 58 3.88 -7.01 1.65
N ASP F 59 3.42 -8.25 1.81
CA ASP F 59 3.28 -9.16 0.68
C ASP F 59 2.16 -8.71 -0.26
N THR F 60 1.18 -7.96 0.25
CA THR F 60 0.08 -7.44 -0.55
C THR F 60 0.33 -6.00 -0.98
N GLU F 61 0.75 -5.15 -0.03
CA GLU F 61 0.91 -3.73 -0.31
C GLU F 61 2.24 -3.47 -1.00
N GLY F 62 3.21 -4.37 -0.84
CA GLY F 62 4.50 -4.25 -1.46
C GLY F 62 5.46 -3.47 -0.58
N PRO F 63 6.38 -2.68 -1.18
CA PRO F 63 7.32 -1.88 -0.40
C PRO F 63 6.54 -0.86 0.42
N LEU F 64 6.97 -0.65 1.66
CA LEU F 64 6.32 0.30 2.57
C LEU F 64 7.15 1.59 2.62
N VAL F 65 6.74 2.58 1.83
CA VAL F 65 7.60 3.71 1.51
C VAL F 65 7.92 4.56 2.75
N ASP F 66 6.92 4.86 3.57
CA ASP F 66 7.14 5.71 4.73
C ASP F 66 8.16 5.06 5.67
N ASN F 67 8.07 3.73 5.85
CA ASN F 67 8.95 3.03 6.76
C ASN F 67 10.36 2.94 6.15
N LEU F 68 10.41 2.69 4.84
CA LEU F 68 11.67 2.64 4.11
C LEU F 68 12.42 3.97 4.28
N VAL F 69 11.70 5.09 4.19
CA VAL F 69 12.30 6.41 4.27
C VAL F 69 12.90 6.60 5.67
N HIS F 70 12.12 6.25 6.70
CA HIS F 70 12.59 6.28 8.08
C HIS F 70 13.82 5.41 8.30
N GLN F 71 13.87 4.25 7.63
CA GLN F 71 14.96 3.32 7.84
C GLN F 71 16.20 3.75 7.06
N LEU F 72 16.00 4.17 5.80
CA LEU F 72 17.12 4.38 4.89
C LEU F 72 17.63 5.82 4.98
N ALA F 73 16.92 6.72 5.66
CA ALA F 73 17.30 8.12 5.69
C ALA F 73 18.61 8.29 6.43
N HIS F 74 18.63 7.83 7.69
CA HIS F 74 19.79 7.97 8.56
C HIS F 74 20.14 9.44 8.76
N GLY F 75 19.11 10.29 8.92
CA GLY F 75 19.31 11.68 9.31
C GLY F 75 19.11 12.68 8.17
N ARG F 76 19.04 12.21 6.91
CA ARG F 76 18.90 13.07 5.76
C ARG F 76 17.44 13.51 5.58
N ASP F 77 17.28 14.70 4.99
CA ASP F 77 15.99 15.26 4.59
C ASP F 77 15.06 14.16 4.05
N ALA F 78 13.95 13.92 4.78
CA ALA F 78 13.04 12.83 4.50
C ALA F 78 12.40 12.99 3.11
N GLU F 79 12.14 14.24 2.70
CA GLU F 79 11.50 14.51 1.43
C GLU F 79 12.32 13.94 0.29
N GLU F 80 13.64 14.19 0.32
CA GLU F 80 14.53 13.84 -0.78
C GLU F 80 14.84 12.35 -0.75
N VAL F 81 14.70 11.71 0.41
CA VAL F 81 14.94 10.28 0.51
C VAL F 81 13.75 9.56 -0.13
N ARG F 82 12.56 10.12 0.08
CA ARG F 82 11.33 9.55 -0.45
C ARG F 82 11.40 9.52 -1.97
N THR F 83 11.87 10.61 -2.58
CA THR F 83 12.00 10.69 -4.02
C THR F 83 12.81 9.47 -4.51
N GLU F 84 13.98 9.24 -3.90
CA GLU F 84 14.87 8.18 -4.30
C GLU F 84 14.17 6.82 -4.11
N VAL F 85 13.49 6.64 -2.98
CA VAL F 85 12.82 5.38 -2.67
C VAL F 85 11.66 5.16 -3.64
N LEU F 86 10.89 6.21 -3.94
CA LEU F 86 9.75 6.09 -4.85
C LEU F 86 10.21 5.66 -6.24
N LYS F 87 11.43 6.07 -6.62
CA LYS F 87 11.98 5.66 -7.90
C LYS F 87 12.13 4.14 -7.96
N CYS F 88 12.35 3.51 -6.79
CA CYS F 88 12.61 2.08 -6.71
C CYS F 88 11.35 1.24 -6.54
N VAL F 89 10.21 1.88 -6.25
CA VAL F 89 8.97 1.17 -6.00
C VAL F 89 8.27 0.89 -7.32
N ASP F 90 7.85 -0.36 -7.51
CA ASP F 90 7.13 -0.78 -8.69
C ASP F 90 5.95 -1.65 -8.24
N LYS F 91 5.19 -2.16 -9.21
CA LYS F 91 4.06 -3.03 -8.93
C LYS F 91 4.50 -4.49 -9.00
N ASN F 92 3.64 -5.38 -8.50
CA ASN F 92 3.95 -6.80 -8.39
C ASN F 92 3.72 -7.48 -9.74
N THR F 93 4.63 -7.19 -10.68
CA THR F 93 4.43 -7.48 -12.09
C THR F 93 4.25 -8.97 -12.34
N ASP F 94 4.99 -9.81 -11.60
CA ASP F 94 4.96 -11.24 -11.87
C ASP F 94 4.28 -12.01 -10.73
N ASN F 95 3.64 -11.29 -9.80
CA ASN F 95 2.84 -11.89 -8.75
C ASN F 95 3.71 -12.85 -7.93
N ASN F 96 4.95 -12.43 -7.65
CA ASN F 96 5.84 -13.16 -6.77
C ASN F 96 6.49 -12.15 -5.83
N ALA F 97 6.09 -12.22 -4.56
CA ALA F 97 6.40 -11.23 -3.54
C ALA F 97 7.87 -11.27 -3.17
N CYS F 98 8.51 -12.44 -3.34
CA CYS F 98 9.94 -12.62 -3.16
C CYS F 98 10.71 -11.81 -4.21
N HIS F 99 10.32 -11.94 -5.49
CA HIS F 99 10.90 -11.18 -6.57
C HIS F 99 10.65 -9.70 -6.35
N TRP F 100 9.42 -9.39 -5.93
CA TRP F 100 8.99 -8.02 -5.70
C TRP F 100 9.93 -7.36 -4.70
N ALA F 101 10.07 -7.98 -3.53
CA ALA F 101 10.94 -7.47 -2.48
C ALA F 101 12.36 -7.30 -3.00
N PHE F 102 12.88 -8.32 -3.71
CA PHE F 102 14.27 -8.31 -4.13
C PHE F 102 14.52 -7.24 -5.17
N ARG F 103 13.49 -6.92 -5.97
CA ARG F 103 13.60 -5.91 -7.00
C ARG F 103 13.88 -4.56 -6.34
N GLY F 104 13.12 -4.25 -5.29
CA GLY F 104 13.31 -3.04 -4.50
C GLY F 104 14.68 -3.00 -3.83
N PHE F 105 15.04 -4.06 -3.12
CA PHE F 105 16.36 -4.24 -2.47
C PHE F 105 17.47 -3.92 -3.48
N LYS F 106 17.41 -4.54 -4.66
CA LYS F 106 18.37 -4.35 -5.77
C LYS F 106 18.51 -2.84 -6.03
N CYS F 107 17.39 -2.15 -6.18
CA CYS F 107 17.37 -0.75 -6.56
C CYS F 107 17.90 0.13 -5.42
N PHE F 108 17.54 -0.18 -4.18
CA PHE F 108 18.07 0.56 -3.04
C PHE F 108 19.60 0.58 -3.10
N GLN F 109 20.19 -0.62 -3.19
CA GLN F 109 21.63 -0.78 -3.26
C GLN F 109 22.20 0.09 -4.38
N LYS F 110 21.60 -0.03 -5.58
CA LYS F 110 22.02 0.74 -6.74
C LYS F 110 22.16 2.21 -6.38
N ASN F 111 21.20 2.74 -5.60
CA ASN F 111 21.16 4.14 -5.23
C ASN F 111 21.88 4.42 -3.92
N ASN F 112 22.59 3.42 -3.38
CA ASN F 112 23.36 3.54 -2.15
C ASN F 112 22.49 3.95 -0.98
N LEU F 113 21.28 3.38 -0.92
CA LEU F 113 20.49 3.37 0.30
C LEU F 113 20.81 2.09 1.06
N SER F 114 21.16 2.24 2.34
CA SER F 114 21.53 1.11 3.18
C SER F 114 20.53 0.95 4.32
N LEU F 115 20.18 -0.29 4.65
CA LEU F 115 19.39 -0.57 5.83
C LEU F 115 20.15 -0.04 7.06
N ILE F 116 21.44 -0.42 7.13
CA ILE F 116 22.25 -0.25 8.32
C ILE F 116 23.47 0.57 7.96
N LYS F 117 23.59 1.75 8.57
CA LYS F 117 24.73 2.64 8.37
C LYS F 117 25.27 3.10 9.71
N ALA F 118 26.54 3.50 9.71
CA ALA F 118 27.23 4.01 10.89
C ALA F 118 26.72 5.41 11.22
N SER F 119 26.57 5.67 12.51
CA SER F 119 26.14 6.95 13.03
C SER F 119 27.14 7.45 14.06
N ILE F 120 27.60 8.69 13.88
CA ILE F 120 28.52 9.33 14.82
C ILE F 120 27.70 10.27 15.71
N LYS F 121 27.90 10.15 17.03
CA LYS F 121 27.21 10.97 18.02
C LYS F 121 28.22 11.86 18.74
N LYS F 122 28.09 13.18 18.59
CA LYS F 122 28.87 14.13 19.38
C LYS F 122 28.39 14.09 20.82
N ASP F 123 28.93 13.11 21.57
CA ASP F 123 28.37 12.73 22.86
C ASP F 123 29.50 12.52 23.88
N GLU G 2 -20.09 -54.40 -7.36
CA GLU G 2 -21.28 -53.57 -7.75
C GLU G 2 -20.98 -52.08 -7.58
N PHE G 3 -19.78 -51.75 -7.07
CA PHE G 3 -19.41 -50.38 -6.78
C PHE G 3 -18.68 -49.72 -7.96
N THR G 4 -19.08 -48.48 -8.28
CA THR G 4 -18.38 -47.65 -9.25
C THR G 4 -18.06 -46.30 -8.60
N VAL G 5 -16.97 -45.64 -9.03
CA VAL G 5 -16.60 -44.39 -8.39
C VAL G 5 -17.59 -43.30 -8.83
N SER G 6 -17.83 -42.38 -7.90
CA SER G 6 -18.62 -41.19 -8.17
C SER G 6 -17.77 -40.12 -8.83
N THR G 7 -18.37 -39.47 -9.83
CA THR G 7 -17.78 -38.36 -10.53
C THR G 7 -18.43 -37.08 -10.03
N THR G 8 -17.91 -35.94 -10.48
CA THR G 8 -18.52 -34.65 -10.21
C THR G 8 -20.01 -34.65 -10.59
N GLU G 9 -20.36 -35.37 -11.67
CA GLU G 9 -21.72 -35.37 -12.16
C GLU G 9 -22.63 -36.16 -11.22
N ASP G 10 -22.13 -37.28 -10.69
CA ASP G 10 -22.83 -38.02 -9.67
C ASP G 10 -23.02 -37.13 -8.44
N LEU G 11 -21.98 -36.40 -8.04
CA LEU G 11 -22.04 -35.59 -6.83
C LEU G 11 -23.16 -34.55 -6.92
N GLN G 12 -23.23 -33.83 -8.05
CA GLN G 12 -24.23 -32.81 -8.25
C GLN G 12 -25.62 -33.42 -8.09
N ARG G 13 -25.83 -34.57 -8.73
CA ARG G 13 -27.11 -35.24 -8.69
C ARG G 13 -27.46 -35.63 -7.26
N TYR G 14 -26.48 -36.20 -6.55
CA TYR G 14 -26.70 -36.63 -5.18
C TYR G 14 -26.98 -35.42 -4.30
N ARG G 15 -26.23 -34.32 -4.51
CA ARG G 15 -26.53 -33.07 -3.82
C ARG G 15 -28.00 -32.71 -4.00
N THR G 16 -28.47 -32.71 -5.25
CA THR G 16 -29.84 -32.31 -5.50
C THR G 16 -30.80 -33.22 -4.73
N GLU G 17 -30.55 -34.53 -4.75
CA GLU G 17 -31.44 -35.49 -4.12
C GLU G 17 -31.49 -35.21 -2.62
N CYS G 18 -30.30 -35.13 -2.02
CA CYS G 18 -30.18 -34.97 -0.58
C CYS G 18 -30.79 -33.65 -0.10
N VAL G 19 -30.56 -32.59 -0.86
CA VAL G 19 -31.07 -31.27 -0.52
C VAL G 19 -32.59 -31.31 -0.38
N SER G 20 -33.28 -31.97 -1.32
CA SER G 20 -34.73 -32.02 -1.35
C SER G 20 -35.26 -32.92 -0.24
N SER G 21 -34.72 -34.14 -0.11
CA SER G 21 -35.21 -35.08 0.89
C SER G 21 -34.95 -34.59 2.31
N LEU G 22 -33.87 -33.81 2.52
CA LEU G 22 -33.53 -33.34 3.85
C LEU G 22 -34.04 -31.93 4.08
N ASN G 23 -34.67 -31.33 3.06
CA ASN G 23 -35.25 -30.00 3.12
C ASN G 23 -34.19 -29.00 3.59
N ILE G 24 -33.13 -28.90 2.78
CA ILE G 24 -31.97 -28.12 3.18
C ILE G 24 -32.29 -26.66 2.90
N PRO G 25 -32.14 -25.76 3.91
CA PRO G 25 -32.34 -24.33 3.70
C PRO G 25 -31.30 -23.77 2.74
N ALA G 26 -31.67 -22.67 2.05
CA ALA G 26 -31.00 -22.20 0.86
C ALA G 26 -29.58 -21.72 1.14
N ASP G 27 -29.38 -21.12 2.32
CA ASP G 27 -28.05 -20.69 2.75
C ASP G 27 -27.09 -21.87 2.71
N TYR G 28 -27.55 -23.03 3.16
CA TYR G 28 -26.73 -24.23 3.23
C TYR G 28 -26.40 -24.77 1.85
N VAL G 29 -27.40 -24.79 0.96
CA VAL G 29 -27.22 -25.31 -0.38
C VAL G 29 -26.08 -24.57 -1.07
N GLU G 30 -26.02 -23.24 -0.93
CA GLU G 30 -25.01 -22.46 -1.63
C GLU G 30 -23.62 -22.83 -1.12
N LYS G 31 -23.49 -23.18 0.16
CA LYS G 31 -22.21 -23.56 0.74
C LYS G 31 -21.81 -24.95 0.24
N PHE G 32 -22.77 -25.88 0.26
CA PHE G 32 -22.50 -27.24 -0.18
C PHE G 32 -22.07 -27.22 -1.64
N LYS G 33 -22.59 -26.25 -2.40
CA LYS G 33 -22.17 -26.06 -3.80
C LYS G 33 -20.71 -25.67 -3.87
N LYS G 34 -20.25 -24.91 -2.88
CA LYS G 34 -18.86 -24.48 -2.79
C LYS G 34 -17.98 -25.53 -2.08
N TRP G 35 -18.59 -26.62 -1.62
CA TRP G 35 -17.89 -27.64 -0.84
C TRP G 35 -17.44 -27.04 0.50
N GLU G 36 -18.26 -26.14 1.06
CA GLU G 36 -18.05 -25.60 2.40
C GLU G 36 -19.11 -26.21 3.33
N PHE G 37 -18.65 -26.80 4.43
CA PHE G 37 -19.47 -27.68 5.26
C PHE G 37 -19.38 -27.22 6.72
N PRO G 38 -20.39 -26.47 7.24
CA PRO G 38 -20.45 -26.16 8.67
C PRO G 38 -20.62 -27.41 9.53
N GLU G 39 -19.95 -27.46 10.69
CA GLU G 39 -19.97 -28.60 11.57
C GLU G 39 -21.24 -28.58 12.43
N ASP G 40 -22.40 -28.83 11.80
CA ASP G 40 -23.67 -28.81 12.51
C ASP G 40 -24.57 -29.91 11.93
N ASP G 41 -25.68 -30.16 12.62
CA ASP G 41 -26.48 -31.36 12.39
C ASP G 41 -27.12 -31.33 10.99
N THR G 42 -27.52 -30.16 10.49
CA THR G 42 -28.03 -30.08 9.13
C THR G 42 -26.99 -30.63 8.15
N THR G 43 -25.74 -30.22 8.33
CA THR G 43 -24.66 -30.52 7.41
C THR G 43 -24.23 -31.99 7.51
N MET G 44 -24.26 -32.53 8.74
CA MET G 44 -23.78 -33.88 8.96
C MET G 44 -24.73 -34.89 8.28
N CYS G 45 -26.04 -34.63 8.36
CA CYS G 45 -27.01 -35.49 7.70
C CYS G 45 -26.92 -35.33 6.18
N TYR G 46 -26.52 -34.15 5.70
CA TYR G 46 -26.27 -33.98 4.27
C TYR G 46 -25.12 -34.89 3.86
N ILE G 47 -23.99 -34.79 4.57
CA ILE G 47 -22.81 -35.56 4.23
C ILE G 47 -23.12 -37.04 4.36
N LYS G 48 -23.87 -37.42 5.39
CA LYS G 48 -24.31 -38.81 5.47
C LYS G 48 -25.08 -39.17 4.21
N CYS G 49 -25.99 -38.28 3.79
CA CYS G 49 -26.92 -38.59 2.70
C CYS G 49 -26.12 -38.86 1.42
N VAL G 50 -25.17 -37.98 1.11
CA VAL G 50 -24.38 -38.09 -0.10
C VAL G 50 -23.49 -39.34 -0.04
N PHE G 51 -22.86 -39.58 1.12
CA PHE G 51 -22.01 -40.74 1.29
C PHE G 51 -22.84 -42.02 1.10
N ASN G 52 -24.06 -42.06 1.64
CA ASN G 52 -24.98 -43.18 1.40
C ASN G 52 -25.12 -43.46 -0.09
N LYS G 53 -25.43 -42.41 -0.87
CA LYS G 53 -25.70 -42.57 -2.30
C LYS G 53 -24.44 -42.93 -3.07
N MET G 54 -23.28 -42.48 -2.61
CA MET G 54 -22.03 -42.84 -3.24
C MET G 54 -21.60 -44.25 -2.85
N GLN G 55 -22.37 -44.89 -1.95
CA GLN G 55 -22.07 -46.18 -1.36
C GLN G 55 -20.70 -46.16 -0.66
N LEU G 56 -20.43 -45.09 0.07
CA LEU G 56 -19.21 -44.96 0.87
C LEU G 56 -19.50 -45.11 2.37
N PHE G 57 -20.79 -45.08 2.74
CA PHE G 57 -21.19 -45.15 4.13
C PHE G 57 -22.58 -45.76 4.23
N ASP G 58 -22.72 -46.70 5.16
CA ASP G 58 -23.99 -47.34 5.45
C ASP G 58 -24.38 -47.03 6.90
N ASP G 59 -25.67 -46.77 7.13
CA ASP G 59 -26.10 -46.24 8.43
C ASP G 59 -25.91 -47.29 9.52
N THR G 60 -25.92 -48.58 9.18
CA THR G 60 -25.61 -49.63 10.13
C THR G 60 -24.12 -49.99 10.15
N GLU G 61 -23.54 -50.34 8.99
CA GLU G 61 -22.20 -50.90 8.95
C GLU G 61 -21.15 -49.81 9.08
N GLY G 62 -21.53 -48.55 8.80
CA GLY G 62 -20.64 -47.42 8.94
C GLY G 62 -19.88 -47.15 7.65
N PRO G 63 -18.71 -46.50 7.74
CA PRO G 63 -17.83 -46.31 6.59
C PRO G 63 -17.61 -47.61 5.83
N LEU G 64 -17.76 -47.58 4.51
CA LEU G 64 -17.50 -48.76 3.70
C LEU G 64 -16.09 -48.63 3.11
N VAL G 65 -15.15 -49.41 3.65
CA VAL G 65 -13.73 -49.15 3.51
C VAL G 65 -13.23 -49.47 2.11
N ASP G 66 -13.67 -50.61 1.54
CA ASP G 66 -13.22 -50.98 0.20
C ASP G 66 -13.64 -49.90 -0.80
N ASN G 67 -14.88 -49.42 -0.66
CA ASN G 67 -15.43 -48.46 -1.61
C ASN G 67 -14.75 -47.11 -1.41
N LEU G 68 -14.53 -46.72 -0.15
CA LEU G 68 -13.82 -45.49 0.16
C LEU G 68 -12.45 -45.50 -0.52
N VAL G 69 -11.73 -46.63 -0.43
CA VAL G 69 -10.38 -46.72 -0.96
C VAL G 69 -10.41 -46.62 -2.48
N HIS G 70 -11.41 -47.24 -3.12
CA HIS G 70 -11.57 -47.11 -4.57
C HIS G 70 -11.83 -45.65 -4.93
N GLN G 71 -12.68 -44.97 -4.16
CA GLN G 71 -13.05 -43.58 -4.42
C GLN G 71 -11.87 -42.66 -4.17
N LEU G 72 -11.16 -42.88 -3.06
CA LEU G 72 -10.20 -41.91 -2.54
C LEU G 72 -8.80 -42.12 -3.12
N ALA G 73 -8.49 -43.33 -3.59
CA ALA G 73 -7.14 -43.61 -4.06
C ALA G 73 -6.68 -42.53 -5.03
N HIS G 74 -7.42 -42.39 -6.15
CA HIS G 74 -7.03 -41.54 -7.26
C HIS G 74 -5.60 -41.81 -7.69
N GLY G 75 -5.27 -43.08 -7.91
CA GLY G 75 -3.97 -43.45 -8.45
C GLY G 75 -2.94 -43.86 -7.40
N ARG G 76 -3.08 -43.35 -6.17
CA ARG G 76 -2.16 -43.70 -5.09
C ARG G 76 -2.43 -45.14 -4.66
N ASP G 77 -1.38 -45.84 -4.22
CA ASP G 77 -1.44 -47.25 -3.87
C ASP G 77 -2.54 -47.48 -2.83
N ALA G 78 -3.36 -48.52 -3.05
CA ALA G 78 -4.51 -48.79 -2.21
C ALA G 78 -4.07 -49.05 -0.77
N GLU G 79 -2.91 -49.69 -0.61
CA GLU G 79 -2.43 -50.14 0.69
C GLU G 79 -2.23 -48.95 1.62
N GLU G 80 -1.51 -47.92 1.13
CA GLU G 80 -1.27 -46.70 1.88
C GLU G 80 -2.59 -46.00 2.20
N VAL G 81 -3.52 -46.02 1.25
CA VAL G 81 -4.76 -45.26 1.35
C VAL G 81 -5.67 -45.97 2.35
N ARG G 82 -5.73 -47.31 2.28
CA ARG G 82 -6.58 -48.05 3.20
C ARG G 82 -6.14 -47.82 4.64
N THR G 83 -4.82 -47.81 4.89
CA THR G 83 -4.34 -47.62 6.25
C THR G 83 -4.77 -46.22 6.72
N GLU G 84 -4.71 -45.24 5.81
CA GLU G 84 -5.16 -43.89 6.12
C GLU G 84 -6.66 -43.86 6.35
N VAL G 85 -7.43 -44.54 5.50
CA VAL G 85 -8.86 -44.63 5.67
C VAL G 85 -9.15 -45.32 7.00
N LEU G 86 -8.46 -46.43 7.29
CA LEU G 86 -8.73 -47.22 8.48
C LEU G 86 -8.52 -46.38 9.75
N LYS G 87 -7.54 -45.49 9.75
CA LYS G 87 -7.28 -44.58 10.89
C LYS G 87 -8.52 -43.70 11.14
N CYS G 88 -9.31 -43.45 10.10
CA CYS G 88 -10.41 -42.50 10.19
C CYS G 88 -11.73 -43.21 10.54
N VAL G 89 -11.69 -44.55 10.65
CA VAL G 89 -12.89 -45.34 10.91
C VAL G 89 -13.03 -45.58 12.42
N ASP G 90 -14.17 -45.18 12.98
CA ASP G 90 -14.52 -45.48 14.35
C ASP G 90 -15.92 -46.10 14.37
N LYS G 91 -16.46 -46.36 15.57
CA LYS G 91 -17.79 -46.96 15.68
C LYS G 91 -18.80 -45.85 15.93
N ASN G 92 -20.10 -46.21 15.90
CA ASN G 92 -21.18 -45.23 16.04
C ASN G 92 -21.33 -44.86 17.51
N THR G 93 -20.40 -44.03 18.01
CA THR G 93 -20.22 -43.83 19.44
C THR G 93 -21.47 -43.21 20.06
N ASP G 94 -22.10 -42.27 19.36
CA ASP G 94 -23.24 -41.56 19.93
C ASP G 94 -24.53 -41.98 19.23
N ASN G 95 -24.51 -43.14 18.55
CA ASN G 95 -25.71 -43.68 17.92
C ASN G 95 -26.39 -42.60 17.08
N ASN G 96 -25.60 -41.86 16.31
CA ASN G 96 -26.13 -40.93 15.31
C ASN G 96 -25.30 -41.07 14.04
N ALA G 97 -25.89 -41.72 13.04
CA ALA G 97 -25.23 -42.05 11.77
C ALA G 97 -24.79 -40.79 11.03
N CYS G 98 -25.52 -39.67 11.21
CA CYS G 98 -25.13 -38.40 10.63
C CYS G 98 -23.81 -37.95 11.25
N HIS G 99 -23.76 -37.94 12.59
CA HIS G 99 -22.53 -37.62 13.31
C HIS G 99 -21.42 -38.56 12.88
N TRP G 100 -21.75 -39.86 12.78
CA TRP G 100 -20.79 -40.90 12.44
C TRP G 100 -20.14 -40.64 11.07
N ALA G 101 -20.98 -40.34 10.08
CA ALA G 101 -20.54 -40.09 8.72
C ALA G 101 -19.59 -38.89 8.67
N PHE G 102 -19.93 -37.82 9.41
CA PHE G 102 -19.20 -36.57 9.30
C PHE G 102 -17.80 -36.70 9.91
N ARG G 103 -17.69 -37.41 11.05
CA ARG G 103 -16.43 -37.58 11.74
C ARG G 103 -15.41 -38.22 10.80
N GLY G 104 -15.86 -39.22 10.02
CA GLY G 104 -15.04 -39.81 8.98
C GLY G 104 -14.62 -38.78 7.93
N PHE G 105 -15.59 -38.02 7.43
CA PHE G 105 -15.35 -36.95 6.46
C PHE G 105 -14.27 -35.98 6.95
N LYS G 106 -14.46 -35.50 8.19
CA LYS G 106 -13.52 -34.59 8.80
C LYS G 106 -12.11 -35.18 8.68
N CYS G 107 -11.99 -36.46 9.03
CA CYS G 107 -10.71 -37.12 9.12
C CYS G 107 -10.10 -37.33 7.74
N PHE G 108 -10.95 -37.61 6.74
CA PHE G 108 -10.47 -37.70 5.36
C PHE G 108 -9.84 -36.37 4.93
N GLN G 109 -10.53 -35.26 5.21
CA GLN G 109 -10.13 -33.96 4.71
C GLN G 109 -8.83 -33.50 5.39
N LYS G 110 -8.66 -33.86 6.67
CA LYS G 110 -7.45 -33.50 7.41
C LYS G 110 -6.26 -34.29 6.87
N ASN G 111 -6.52 -35.50 6.36
CA ASN G 111 -5.50 -36.38 5.83
C ASN G 111 -5.39 -36.27 4.30
N ASN G 112 -5.84 -35.15 3.72
CA ASN G 112 -5.65 -34.87 2.30
C ASN G 112 -6.23 -35.96 1.39
N LEU G 113 -7.32 -36.61 1.82
CA LEU G 113 -8.03 -37.56 0.97
C LEU G 113 -9.29 -36.89 0.45
N SER G 114 -9.37 -36.70 -0.87
CA SER G 114 -10.51 -36.02 -1.48
C SER G 114 -11.33 -37.01 -2.29
N LEU G 115 -12.66 -36.84 -2.24
CA LEU G 115 -13.59 -37.65 -3.02
C LEU G 115 -13.29 -37.48 -4.51
N ILE G 116 -13.09 -36.23 -4.94
CA ILE G 116 -12.85 -35.87 -6.33
C ILE G 116 -11.45 -35.28 -6.48
N LYS G 117 -10.71 -35.76 -7.48
CA LYS G 117 -9.42 -35.22 -7.86
C LYS G 117 -9.35 -35.11 -9.37
N ALA G 118 -8.77 -34.01 -9.86
CA ALA G 118 -8.34 -33.90 -11.25
C ALA G 118 -7.58 -35.17 -11.65
N SER G 119 -7.85 -35.64 -12.87
CA SER G 119 -7.19 -36.80 -13.43
C SER G 119 -6.59 -36.42 -14.78
N ILE G 120 -5.25 -36.32 -14.84
CA ILE G 120 -4.56 -36.14 -16.10
C ILE G 120 -4.44 -37.51 -16.78
N LYS G 121 -4.51 -37.54 -18.12
CA LYS G 121 -4.64 -38.78 -18.85
C LYS G 121 -3.73 -38.82 -20.08
N LYS G 122 -3.44 -40.04 -20.54
CA LYS G 122 -2.87 -40.28 -21.86
C LYS G 122 -3.97 -40.08 -22.91
N GLU H 2 -7.62 -6.93 -5.65
CA GLU H 2 -7.04 -7.88 -4.65
C GLU H 2 -7.56 -9.28 -4.95
N PHE H 3 -6.66 -10.27 -4.88
CA PHE H 3 -6.93 -11.62 -5.36
C PHE H 3 -7.96 -12.33 -4.48
N THR H 4 -8.86 -13.06 -5.14
CA THR H 4 -9.88 -13.85 -4.48
C THR H 4 -9.83 -15.27 -5.02
N VAL H 5 -9.84 -16.25 -4.10
CA VAL H 5 -9.74 -17.65 -4.46
C VAL H 5 -10.96 -18.03 -5.29
N SER H 6 -10.74 -18.86 -6.31
CA SER H 6 -11.82 -19.46 -7.08
C SER H 6 -12.44 -20.60 -6.28
N THR H 7 -13.79 -20.67 -6.28
CA THR H 7 -14.53 -21.79 -5.73
C THR H 7 -14.96 -22.71 -6.86
N THR H 8 -15.69 -23.77 -6.52
CA THR H 8 -16.28 -24.67 -7.50
C THR H 8 -17.18 -23.93 -8.49
N GLU H 9 -17.91 -22.89 -8.05
CA GLU H 9 -18.85 -22.23 -8.94
C GLU H 9 -18.11 -21.36 -9.95
N ASP H 10 -17.01 -20.76 -9.48
CA ASP H 10 -16.16 -19.95 -10.33
C ASP H 10 -15.54 -20.81 -11.42
N LEU H 11 -15.17 -22.05 -11.08
CA LEU H 11 -14.61 -22.99 -12.05
C LEU H 11 -15.66 -23.37 -13.10
N GLN H 12 -16.92 -23.55 -12.67
CA GLN H 12 -17.99 -23.84 -13.62
C GLN H 12 -18.14 -22.71 -14.63
N ARG H 13 -18.12 -21.47 -14.15
CA ARG H 13 -18.30 -20.30 -14.99
C ARG H 13 -17.14 -20.17 -15.98
N TYR H 14 -15.92 -20.44 -15.51
CA TYR H 14 -14.74 -20.27 -16.33
C TYR H 14 -14.70 -21.38 -17.38
N ARG H 15 -15.20 -22.55 -17.00
CA ARG H 15 -15.30 -23.67 -17.91
C ARG H 15 -16.26 -23.33 -19.06
N THR H 16 -17.46 -22.85 -18.72
CA THR H 16 -18.43 -22.38 -19.70
C THR H 16 -17.80 -21.36 -20.65
N GLU H 17 -17.14 -20.35 -20.08
CA GLU H 17 -16.53 -19.28 -20.86
C GLU H 17 -15.51 -19.85 -21.84
N CYS H 18 -14.57 -20.65 -21.33
CA CYS H 18 -13.49 -21.18 -22.13
C CYS H 18 -13.99 -22.14 -23.21
N VAL H 19 -15.02 -22.92 -22.87
CA VAL H 19 -15.62 -23.87 -23.80
C VAL H 19 -16.17 -23.10 -25.00
N SER H 20 -16.78 -21.95 -24.72
CA SER H 20 -17.31 -21.07 -25.75
C SER H 20 -16.19 -20.42 -26.54
N SER H 21 -15.20 -19.85 -25.85
CA SER H 21 -14.16 -19.04 -26.49
C SER H 21 -13.18 -19.90 -27.30
N LEU H 22 -12.91 -21.13 -26.84
CA LEU H 22 -11.99 -22.01 -27.55
C LEU H 22 -12.78 -22.96 -28.46
N ASN H 23 -14.11 -22.90 -28.41
CA ASN H 23 -14.97 -23.78 -29.19
C ASN H 23 -14.51 -25.22 -28.98
N ILE H 24 -14.62 -25.66 -27.72
CA ILE H 24 -14.21 -26.99 -27.28
C ILE H 24 -15.25 -28.00 -27.77
N PRO H 25 -14.85 -29.02 -28.56
CA PRO H 25 -15.73 -30.15 -28.90
C PRO H 25 -16.45 -30.79 -27.70
N ALA H 26 -17.67 -31.28 -27.95
CA ALA H 26 -18.64 -31.58 -26.91
C ALA H 26 -18.20 -32.75 -26.03
N ASP H 27 -17.33 -33.61 -26.55
CA ASP H 27 -16.87 -34.74 -25.75
C ASP H 27 -15.80 -34.27 -24.77
N TYR H 28 -14.96 -33.33 -25.22
CA TYR H 28 -13.95 -32.72 -24.37
C TYR H 28 -14.62 -32.08 -23.15
N VAL H 29 -15.78 -31.44 -23.36
CA VAL H 29 -16.50 -30.79 -22.27
C VAL H 29 -16.85 -31.80 -21.18
N GLU H 30 -17.29 -33.00 -21.56
CA GLU H 30 -17.76 -33.99 -20.59
C GLU H 30 -16.59 -34.49 -19.75
N LYS H 31 -15.41 -34.58 -20.37
CA LYS H 31 -14.19 -34.88 -19.66
C LYS H 31 -13.85 -33.76 -18.69
N PHE H 32 -13.94 -32.50 -19.14
CA PHE H 32 -13.49 -31.41 -18.32
C PHE H 32 -14.43 -31.25 -17.11
N LYS H 33 -15.73 -31.49 -17.33
CA LYS H 33 -16.72 -31.47 -16.26
C LYS H 33 -16.37 -32.50 -15.17
N LYS H 34 -15.82 -33.64 -15.58
CA LYS H 34 -15.45 -34.70 -14.65
C LYS H 34 -14.02 -34.50 -14.16
N TRP H 35 -13.41 -33.38 -14.55
CA TRP H 35 -12.02 -33.07 -14.21
C TRP H 35 -11.09 -34.14 -14.78
N GLU H 36 -11.39 -34.59 -16.00
CA GLU H 36 -10.53 -35.51 -16.73
C GLU H 36 -9.85 -34.73 -17.86
N PHE H 37 -8.51 -34.74 -17.86
CA PHE H 37 -7.73 -33.85 -18.71
C PHE H 37 -6.70 -34.65 -19.52
N PRO H 38 -7.01 -35.05 -20.76
CA PRO H 38 -6.01 -35.59 -21.67
C PRO H 38 -4.84 -34.63 -21.91
N GLU H 39 -3.65 -35.17 -22.14
CA GLU H 39 -2.47 -34.34 -22.40
C GLU H 39 -2.35 -34.10 -23.91
N ASP H 40 -3.24 -33.25 -24.44
CA ASP H 40 -3.22 -32.87 -25.85
C ASP H 40 -3.38 -31.35 -25.96
N ASP H 41 -3.35 -30.83 -27.21
CA ASP H 41 -3.37 -29.39 -27.42
C ASP H 41 -4.70 -28.79 -26.95
N THR H 42 -5.83 -29.43 -27.29
CA THR H 42 -7.13 -28.91 -26.93
C THR H 42 -7.18 -28.69 -25.42
N THR H 43 -6.65 -29.66 -24.65
CA THR H 43 -6.76 -29.64 -23.21
C THR H 43 -5.80 -28.64 -22.59
N MET H 44 -4.59 -28.56 -23.15
CA MET H 44 -3.57 -27.67 -22.59
C MET H 44 -4.01 -26.22 -22.79
N CYS H 45 -4.61 -25.89 -23.93
CA CYS H 45 -5.10 -24.54 -24.11
C CYS H 45 -6.34 -24.30 -23.23
N TYR H 46 -7.17 -25.31 -22.98
CA TYR H 46 -8.31 -25.16 -22.09
C TYR H 46 -7.82 -24.83 -20.69
N ILE H 47 -6.87 -25.63 -20.20
CA ILE H 47 -6.25 -25.41 -18.88
C ILE H 47 -5.64 -24.01 -18.80
N LYS H 48 -4.94 -23.57 -19.85
CA LYS H 48 -4.37 -22.23 -19.86
C LYS H 48 -5.49 -21.20 -19.67
N CYS H 49 -6.60 -21.39 -20.37
CA CYS H 49 -7.71 -20.45 -20.37
C CYS H 49 -8.32 -20.34 -18.98
N VAL H 50 -8.54 -21.49 -18.31
CA VAL H 50 -9.12 -21.48 -16.98
C VAL H 50 -8.15 -20.82 -16.01
N PHE H 51 -6.88 -21.24 -16.04
CA PHE H 51 -5.87 -20.65 -15.17
C PHE H 51 -5.78 -19.13 -15.41
N ASN H 52 -5.89 -18.68 -16.66
CA ASN H 52 -5.87 -17.25 -16.95
C ASN H 52 -6.99 -16.56 -16.14
N LYS H 53 -8.20 -17.11 -16.18
CA LYS H 53 -9.37 -16.47 -15.58
C LYS H 53 -9.37 -16.59 -14.06
N MET H 54 -8.66 -17.58 -13.51
CA MET H 54 -8.53 -17.69 -12.07
C MET H 54 -7.35 -16.85 -11.58
N GLN H 55 -6.64 -16.20 -12.50
CA GLN H 55 -5.50 -15.36 -12.15
C GLN H 55 -4.37 -16.21 -11.55
N LEU H 56 -4.24 -17.46 -12.05
CA LEU H 56 -3.19 -18.37 -11.62
C LEU H 56 -2.08 -18.47 -12.67
N PHE H 57 -2.29 -17.92 -13.87
CA PHE H 57 -1.30 -18.00 -14.94
C PHE H 57 -1.47 -16.81 -15.87
N ASP H 58 -0.33 -16.24 -16.30
CA ASP H 58 -0.33 -15.18 -17.29
C ASP H 58 0.56 -15.64 -18.44
N ASP H 59 0.16 -15.34 -19.67
CA ASP H 59 0.79 -15.92 -20.84
C ASP H 59 2.21 -15.36 -21.02
N THR H 60 2.49 -14.17 -20.49
CA THR H 60 3.83 -13.59 -20.54
C THR H 60 4.62 -13.86 -19.26
N GLU H 61 3.98 -13.73 -18.09
CA GLU H 61 4.68 -13.84 -16.81
C GLU H 61 4.71 -15.28 -16.31
N GLY H 62 3.77 -16.13 -16.74
CA GLY H 62 3.80 -17.54 -16.40
C GLY H 62 2.97 -17.84 -15.16
N PRO H 63 3.27 -18.92 -14.40
CA PRO H 63 2.53 -19.20 -13.17
C PRO H 63 2.62 -17.99 -12.25
N LEU H 64 1.49 -17.61 -11.62
CA LEU H 64 1.45 -16.47 -10.74
C LEU H 64 1.50 -16.98 -9.30
N VAL H 65 2.66 -16.81 -8.67
CA VAL H 65 3.04 -17.57 -7.49
C VAL H 65 2.24 -17.12 -6.27
N ASP H 66 2.09 -15.80 -6.07
CA ASP H 66 1.35 -15.30 -4.92
C ASP H 66 -0.11 -15.79 -5.00
N ASN H 67 -0.70 -15.73 -6.19
CA ASN H 67 -2.09 -16.13 -6.38
C ASN H 67 -2.25 -17.63 -6.17
N LEU H 68 -1.33 -18.44 -6.71
CA LEU H 68 -1.36 -19.88 -6.54
C LEU H 68 -1.28 -20.27 -5.06
N VAL H 69 -0.41 -19.59 -4.31
CA VAL H 69 -0.28 -19.90 -2.89
C VAL H 69 -1.63 -19.68 -2.20
N HIS H 70 -2.30 -18.55 -2.48
CA HIS H 70 -3.60 -18.25 -1.87
C HIS H 70 -4.60 -19.34 -2.21
N GLN H 71 -4.62 -19.76 -3.47
CA GLN H 71 -5.60 -20.68 -4.00
C GLN H 71 -5.35 -22.08 -3.45
N LEU H 72 -4.08 -22.49 -3.44
CA LEU H 72 -3.72 -23.86 -3.13
C LEU H 72 -3.50 -24.05 -1.62
N ALA H 73 -3.42 -22.96 -0.86
CA ALA H 73 -3.16 -23.00 0.57
C ALA H 73 -4.14 -23.91 1.30
N HIS H 74 -5.41 -23.53 1.33
CA HIS H 74 -6.43 -24.24 2.09
C HIS H 74 -6.00 -24.39 3.55
N GLY H 75 -5.57 -23.28 4.16
CA GLY H 75 -5.24 -23.24 5.57
C GLY H 75 -3.78 -23.58 5.86
N ARG H 76 -3.08 -24.21 4.91
CA ARG H 76 -1.73 -24.70 5.14
C ARG H 76 -0.75 -23.52 5.15
N ASP H 77 0.40 -23.74 5.83
CA ASP H 77 1.38 -22.70 6.08
C ASP H 77 1.90 -22.16 4.74
N ALA H 78 1.64 -20.87 4.52
CA ALA H 78 1.87 -20.21 3.25
C ALA H 78 3.34 -20.29 2.84
N GLU H 79 4.26 -20.19 3.81
CA GLU H 79 5.68 -20.31 3.53
C GLU H 79 5.96 -21.67 2.92
N GLU H 80 5.35 -22.72 3.49
CA GLU H 80 5.56 -24.08 3.03
C GLU H 80 4.90 -24.26 1.66
N VAL H 81 3.72 -23.65 1.47
CA VAL H 81 2.99 -23.71 0.22
C VAL H 81 3.85 -23.06 -0.87
N ARG H 82 4.43 -21.89 -0.56
CA ARG H 82 5.23 -21.13 -1.50
C ARG H 82 6.39 -21.98 -2.02
N THR H 83 7.04 -22.72 -1.12
CA THR H 83 8.22 -23.50 -1.48
C THR H 83 7.84 -24.58 -2.48
N GLU H 84 6.69 -25.24 -2.25
CA GLU H 84 6.26 -26.36 -3.08
C GLU H 84 5.82 -25.85 -4.46
N VAL H 85 5.15 -24.70 -4.47
CA VAL H 85 4.73 -24.05 -5.70
C VAL H 85 5.95 -23.67 -6.54
N LEU H 86 6.96 -23.05 -5.88
CA LEU H 86 8.16 -22.54 -6.56
C LEU H 86 8.88 -23.68 -7.30
N LYS H 87 8.79 -24.90 -6.79
CA LYS H 87 9.44 -26.05 -7.43
C LYS H 87 8.75 -26.42 -8.73
N CYS H 88 7.50 -25.98 -8.93
CA CYS H 88 6.76 -26.25 -10.16
C CYS H 88 6.89 -25.11 -11.16
N VAL H 89 7.45 -23.98 -10.75
CA VAL H 89 7.66 -22.85 -11.66
C VAL H 89 8.88 -23.15 -12.53
N ASP H 90 8.69 -23.02 -13.85
CA ASP H 90 9.78 -23.10 -14.81
C ASP H 90 9.58 -21.97 -15.83
N LYS H 91 10.50 -21.86 -16.80
CA LYS H 91 10.42 -20.83 -17.82
C LYS H 91 9.61 -21.36 -19.00
N ASN H 92 9.23 -20.46 -19.92
CA ASN H 92 8.46 -20.82 -21.11
C ASN H 92 9.41 -21.36 -22.17
N THR H 93 9.94 -22.55 -21.92
CA THR H 93 11.11 -23.04 -22.62
C THR H 93 10.82 -23.31 -24.10
N ASP H 94 9.58 -23.66 -24.48
CA ASP H 94 9.29 -23.93 -25.89
C ASP H 94 8.32 -22.91 -26.47
N ASN H 95 8.10 -21.80 -25.75
CA ASN H 95 7.37 -20.66 -26.28
C ASN H 95 5.94 -21.08 -26.60
N ASN H 96 5.38 -21.92 -25.73
CA ASN H 96 4.00 -22.35 -25.87
C ASN H 96 3.33 -22.17 -24.52
N ALA H 97 2.51 -21.14 -24.41
CA ALA H 97 1.92 -20.77 -23.13
C ALA H 97 0.93 -21.83 -22.65
N CYS H 98 0.36 -22.61 -23.59
CA CYS H 98 -0.54 -23.71 -23.27
C CYS H 98 0.24 -24.87 -22.64
N HIS H 99 1.37 -25.24 -23.25
CA HIS H 99 2.30 -26.22 -22.68
C HIS H 99 2.74 -25.76 -21.30
N TRP H 100 3.06 -24.47 -21.20
CA TRP H 100 3.59 -23.87 -19.99
C TRP H 100 2.60 -24.01 -18.84
N ALA H 101 1.35 -23.58 -19.08
CA ALA H 101 0.31 -23.62 -18.06
C ALA H 101 0.13 -25.06 -17.57
N PHE H 102 0.11 -25.98 -18.53
CA PHE H 102 -0.25 -27.36 -18.22
C PHE H 102 0.86 -28.06 -17.44
N ARG H 103 2.12 -27.70 -17.73
CA ARG H 103 3.28 -28.30 -17.08
C ARG H 103 3.24 -27.98 -15.59
N GLY H 104 2.89 -26.73 -15.27
CA GLY H 104 2.69 -26.30 -13.90
C GLY H 104 1.56 -27.10 -13.23
N PHE H 105 0.46 -27.25 -13.96
CA PHE H 105 -0.70 -28.00 -13.52
C PHE H 105 -0.33 -29.45 -13.20
N LYS H 106 0.40 -30.09 -14.13
CA LYS H 106 0.77 -31.48 -13.99
C LYS H 106 1.62 -31.66 -12.74
N CYS H 107 2.50 -30.69 -12.49
CA CYS H 107 3.36 -30.67 -11.33
C CYS H 107 2.56 -30.49 -10.03
N PHE H 108 1.58 -29.58 -10.03
CA PHE H 108 0.73 -29.39 -8.86
C PHE H 108 0.03 -30.69 -8.49
N GLN H 109 -0.51 -31.40 -9.50
CA GLN H 109 -1.24 -32.63 -9.25
C GLN H 109 -0.29 -33.69 -8.66
N LYS H 110 0.93 -33.75 -9.21
CA LYS H 110 1.98 -34.64 -8.73
C LYS H 110 2.24 -34.39 -7.25
N ASN H 111 2.29 -33.12 -6.85
CA ASN H 111 2.69 -32.75 -5.51
C ASN H 111 1.48 -32.67 -4.58
N ASN H 112 0.34 -33.26 -4.98
CA ASN H 112 -0.85 -33.31 -4.16
C ASN H 112 -1.31 -31.91 -3.78
N LEU H 113 -1.35 -31.01 -4.77
CA LEU H 113 -1.96 -29.69 -4.59
C LEU H 113 -3.23 -29.62 -5.43
N SER H 114 -4.33 -29.22 -4.79
CA SER H 114 -5.61 -29.10 -5.46
C SER H 114 -6.06 -27.65 -5.47
N LEU H 115 -6.52 -27.17 -6.64
CA LEU H 115 -7.19 -25.88 -6.74
C LEU H 115 -8.36 -25.84 -5.75
N ILE H 116 -9.15 -26.91 -5.76
CA ILE H 116 -10.43 -26.95 -5.07
C ILE H 116 -10.40 -28.09 -4.07
N LYS H 117 -10.79 -27.79 -2.82
CA LYS H 117 -10.80 -28.76 -1.74
C LYS H 117 -11.93 -28.43 -0.78
N ALA H 118 -12.58 -29.47 -0.23
CA ALA H 118 -13.63 -29.29 0.76
C ALA H 118 -13.07 -28.45 1.90
N SER H 119 -13.93 -27.62 2.50
CA SER H 119 -13.56 -26.89 3.71
C SER H 119 -14.62 -27.10 4.79
N ILE H 120 -14.17 -27.35 6.02
CA ILE H 120 -15.07 -27.58 7.13
C ILE H 120 -14.94 -26.42 8.11
N LYS H 121 -16.07 -25.77 8.40
CA LYS H 121 -16.11 -24.52 9.14
C LYS H 121 -16.63 -24.79 10.55
N LYS H 122 -15.96 -24.21 11.55
CA LYS H 122 -16.39 -24.34 12.93
C LYS H 122 -17.66 -23.50 13.15
N ASP H 123 -18.79 -24.06 12.72
CA ASP H 123 -20.07 -23.36 12.74
C ASP H 123 -21.22 -24.37 12.80
N GLU I 2 -42.19 -0.43 0.35
CA GLU I 2 -42.51 0.55 -0.71
C GLU I 2 -41.44 0.48 -1.81
N PHE I 3 -41.82 0.89 -3.02
CA PHE I 3 -40.96 0.81 -4.18
C PHE I 3 -40.24 2.14 -4.38
N THR I 4 -39.01 2.10 -4.89
CA THR I 4 -38.22 3.28 -5.19
C THR I 4 -37.73 3.21 -6.62
N VAL I 5 -37.66 4.36 -7.29
CA VAL I 5 -37.16 4.41 -8.65
C VAL I 5 -35.70 4.01 -8.67
N SER I 6 -35.34 3.08 -9.57
CA SER I 6 -33.99 2.54 -9.65
C SER I 6 -33.12 3.47 -10.49
N THR I 7 -31.95 3.81 -9.92
CA THR I 7 -30.94 4.64 -10.55
C THR I 7 -29.88 3.74 -11.18
N THR I 8 -28.88 4.38 -11.81
CA THR I 8 -27.75 3.67 -12.40
C THR I 8 -26.97 2.93 -11.32
N GLU I 9 -26.91 3.51 -10.12
CA GLU I 9 -26.18 2.93 -9.00
C GLU I 9 -26.85 1.65 -8.54
N ASP I 10 -28.18 1.62 -8.60
CA ASP I 10 -28.94 0.45 -8.20
C ASP I 10 -28.67 -0.66 -9.20
N LEU I 11 -28.83 -0.35 -10.50
CA LEU I 11 -28.66 -1.32 -11.57
C LEU I 11 -27.25 -1.92 -11.52
N GLN I 12 -26.25 -1.04 -11.28
CA GLN I 12 -24.86 -1.46 -11.17
C GLN I 12 -24.71 -2.52 -10.08
N ARG I 13 -25.38 -2.30 -8.94
CA ARG I 13 -25.34 -3.21 -7.81
C ARG I 13 -26.18 -4.46 -8.07
N TYR I 14 -27.40 -4.30 -8.61
CA TYR I 14 -28.26 -5.45 -8.86
C TYR I 14 -27.63 -6.36 -9.91
N ARG I 15 -27.09 -5.77 -11.00
CA ARG I 15 -26.38 -6.53 -12.01
C ARG I 15 -25.35 -7.42 -11.34
N THR I 16 -24.52 -6.81 -10.48
CA THR I 16 -23.39 -7.51 -9.89
C THR I 16 -23.89 -8.69 -9.07
N GLU I 17 -24.97 -8.46 -8.31
CA GLU I 17 -25.57 -9.46 -7.44
C GLU I 17 -26.14 -10.60 -8.27
N CYS I 18 -26.79 -10.27 -9.40
CA CYS I 18 -27.44 -11.26 -10.25
C CYS I 18 -26.40 -12.04 -11.09
N VAL I 19 -25.27 -11.40 -11.40
CA VAL I 19 -24.21 -12.09 -12.12
C VAL I 19 -23.55 -13.11 -11.19
N SER I 20 -23.41 -12.72 -9.92
CA SER I 20 -22.83 -13.55 -8.88
C SER I 20 -23.74 -14.74 -8.59
N SER I 21 -25.01 -14.45 -8.27
CA SER I 21 -25.96 -15.48 -7.85
C SER I 21 -26.29 -16.47 -8.97
N LEU I 22 -26.40 -16.00 -10.22
CA LEU I 22 -26.77 -16.87 -11.34
C LEU I 22 -25.53 -17.41 -12.05
N ASN I 23 -24.34 -16.93 -11.65
CA ASN I 23 -23.06 -17.43 -12.15
C ASN I 23 -22.93 -17.12 -13.63
N ILE I 24 -23.22 -15.88 -14.02
CA ILE I 24 -23.36 -15.53 -15.42
C ILE I 24 -21.98 -15.32 -16.03
N PRO I 25 -21.66 -16.03 -17.14
CA PRO I 25 -20.41 -15.83 -17.89
C PRO I 25 -20.16 -14.40 -18.35
N ALA I 26 -18.88 -14.08 -18.57
CA ALA I 26 -18.42 -12.72 -18.77
C ALA I 26 -18.91 -12.19 -20.11
N ASP I 27 -18.97 -13.08 -21.10
CA ASP I 27 -19.43 -12.76 -22.44
C ASP I 27 -20.86 -12.21 -22.42
N TYR I 28 -21.70 -12.74 -21.52
CA TYR I 28 -23.07 -12.27 -21.38
C TYR I 28 -23.11 -10.85 -20.80
N VAL I 29 -22.33 -10.63 -19.73
CA VAL I 29 -22.33 -9.35 -19.04
C VAL I 29 -22.00 -8.24 -20.05
N GLU I 30 -20.97 -8.48 -20.87
CA GLU I 30 -20.54 -7.50 -21.85
C GLU I 30 -21.68 -7.15 -22.81
N LYS I 31 -22.46 -8.16 -23.21
CA LYS I 31 -23.57 -7.95 -24.12
C LYS I 31 -24.66 -7.14 -23.43
N PHE I 32 -24.97 -7.49 -22.17
CA PHE I 32 -25.98 -6.83 -21.38
C PHE I 32 -25.69 -5.33 -21.31
N LYS I 33 -24.42 -4.98 -21.04
CA LYS I 33 -24.00 -3.59 -20.95
C LYS I 33 -24.15 -2.89 -22.30
N LYS I 34 -24.20 -3.67 -23.38
CA LYS I 34 -24.40 -3.15 -24.73
C LYS I 34 -25.88 -3.20 -25.11
N TRP I 35 -26.76 -3.48 -24.15
CA TRP I 35 -28.19 -3.64 -24.38
C TRP I 35 -28.45 -4.64 -25.49
N GLU I 36 -27.74 -5.78 -25.37
CA GLU I 36 -27.89 -6.92 -26.26
C GLU I 36 -28.22 -8.14 -25.42
N PHE I 37 -29.24 -8.89 -25.85
CA PHE I 37 -29.89 -9.89 -25.03
C PHE I 37 -30.12 -11.15 -25.86
N PRO I 38 -29.16 -12.11 -25.86
CA PRO I 38 -29.37 -13.42 -26.48
C PRO I 38 -30.60 -14.12 -25.93
N GLU I 39 -31.44 -14.69 -26.81
CA GLU I 39 -32.70 -15.29 -26.41
C GLU I 39 -32.46 -16.68 -25.85
N ASP I 40 -32.00 -16.76 -24.59
CA ASP I 40 -31.73 -18.02 -23.96
C ASP I 40 -31.93 -17.88 -22.44
N ASP I 41 -31.84 -18.99 -21.72
CA ASP I 41 -32.28 -18.99 -20.33
C ASP I 41 -31.35 -18.14 -19.47
N THR I 42 -30.08 -18.00 -19.87
CA THR I 42 -29.16 -17.20 -19.08
C THR I 42 -29.61 -15.74 -19.08
N THR I 43 -29.90 -15.23 -20.28
CA THR I 43 -30.39 -13.87 -20.44
C THR I 43 -31.74 -13.71 -19.73
N MET I 44 -32.67 -14.65 -19.95
CA MET I 44 -34.01 -14.50 -19.40
C MET I 44 -33.97 -14.39 -17.87
N CYS I 45 -33.26 -15.31 -17.22
CA CYS I 45 -33.22 -15.32 -15.76
C CYS I 45 -32.49 -14.08 -15.27
N TYR I 46 -31.48 -13.61 -16.00
CA TYR I 46 -30.83 -12.36 -15.64
C TYR I 46 -31.86 -11.22 -15.51
N ILE I 47 -32.67 -11.04 -16.55
CA ILE I 47 -33.67 -9.97 -16.60
C ILE I 47 -34.67 -10.16 -15.44
N LYS I 48 -35.13 -11.40 -15.20
CA LYS I 48 -36.04 -11.65 -14.09
C LYS I 48 -35.37 -11.24 -12.77
N CYS I 49 -34.08 -11.57 -12.63
CA CYS I 49 -33.37 -11.32 -11.39
C CYS I 49 -33.32 -9.80 -11.13
N VAL I 50 -32.93 -9.05 -12.15
CA VAL I 50 -32.82 -7.60 -12.04
C VAL I 50 -34.20 -7.00 -11.74
N PHE I 51 -35.25 -7.46 -12.48
CA PHE I 51 -36.60 -6.94 -12.30
C PHE I 51 -37.14 -7.29 -10.91
N ASN I 52 -36.81 -8.49 -10.39
CA ASN I 52 -37.14 -8.85 -9.02
C ASN I 52 -36.62 -7.78 -8.05
N LYS I 53 -35.33 -7.44 -8.18
CA LYS I 53 -34.64 -6.57 -7.23
C LYS I 53 -35.15 -5.13 -7.32
N MET I 54 -35.56 -4.70 -8.52
CA MET I 54 -36.11 -3.37 -8.74
C MET I 54 -37.60 -3.31 -8.42
N GLN I 55 -38.19 -4.46 -8.05
CA GLN I 55 -39.59 -4.58 -7.67
C GLN I 55 -40.50 -4.35 -8.87
N LEU I 56 -40.09 -4.85 -10.05
CA LEU I 56 -40.79 -4.59 -11.29
C LEU I 56 -41.52 -5.85 -11.77
N PHE I 57 -41.25 -6.98 -11.12
CA PHE I 57 -41.74 -8.28 -11.56
C PHE I 57 -41.77 -9.19 -10.34
N ASP I 58 -42.86 -9.97 -10.18
CA ASP I 58 -43.04 -10.96 -9.14
C ASP I 58 -43.21 -12.32 -9.81
N ASP I 59 -42.52 -13.34 -9.31
CA ASP I 59 -42.47 -14.61 -10.03
C ASP I 59 -43.85 -15.26 -10.06
N THR I 60 -44.72 -14.96 -9.08
CA THR I 60 -46.10 -15.42 -9.06
C THR I 60 -47.06 -14.49 -9.80
N GLU I 61 -47.05 -13.20 -9.43
CA GLU I 61 -48.00 -12.23 -9.94
C GLU I 61 -47.63 -11.75 -11.34
N GLY I 62 -46.34 -11.80 -11.68
CA GLY I 62 -45.87 -11.35 -12.99
C GLY I 62 -45.46 -9.89 -12.96
N PRO I 63 -45.52 -9.15 -14.09
CA PRO I 63 -45.20 -7.73 -14.09
C PRO I 63 -46.04 -6.92 -13.10
N LEU I 64 -45.37 -6.00 -12.38
CA LEU I 64 -46.00 -5.12 -11.41
C LEU I 64 -46.19 -3.73 -12.05
N VAL I 65 -47.43 -3.47 -12.47
CA VAL I 65 -47.75 -2.50 -13.50
C VAL I 65 -47.47 -1.09 -12.96
N ASP I 66 -47.88 -0.81 -11.72
CA ASP I 66 -47.72 0.52 -11.14
C ASP I 66 -46.25 0.89 -10.95
N ASN I 67 -45.44 -0.10 -10.57
CA ASN I 67 -44.02 0.09 -10.37
C ASN I 67 -43.34 0.31 -11.73
N LEU I 68 -43.72 -0.47 -12.73
CA LEU I 68 -43.15 -0.34 -14.07
C LEU I 68 -43.45 1.07 -14.59
N VAL I 69 -44.71 1.51 -14.45
CA VAL I 69 -45.09 2.85 -14.89
C VAL I 69 -44.29 3.91 -14.13
N HIS I 70 -44.14 3.74 -12.81
CA HIS I 70 -43.43 4.68 -11.96
C HIS I 70 -41.95 4.77 -12.33
N GLN I 71 -41.35 3.61 -12.59
CA GLN I 71 -39.96 3.55 -12.99
C GLN I 71 -39.75 4.26 -14.33
N LEU I 72 -40.64 4.01 -15.28
CA LEU I 72 -40.43 4.41 -16.66
C LEU I 72 -40.65 5.91 -16.85
N ALA I 73 -41.47 6.54 -15.99
CA ALA I 73 -41.73 7.97 -16.15
C ALA I 73 -41.68 8.71 -14.81
N HIS I 74 -40.93 8.17 -13.85
CA HIS I 74 -40.60 8.86 -12.61
C HIS I 74 -41.83 9.51 -11.97
N GLY I 75 -42.98 8.82 -12.04
CA GLY I 75 -44.20 9.33 -11.43
C GLY I 75 -44.84 10.46 -12.24
N ARG I 76 -44.41 10.63 -13.50
CA ARG I 76 -44.91 11.67 -14.39
C ARG I 76 -45.55 11.01 -15.61
N ASP I 77 -46.52 11.69 -16.23
CA ASP I 77 -47.15 11.23 -17.46
C ASP I 77 -47.52 9.76 -17.35
N ALA I 78 -48.16 9.38 -16.22
CA ALA I 78 -48.49 7.99 -15.93
C ALA I 78 -49.30 7.37 -17.07
N GLU I 79 -50.30 8.13 -17.53
CA GLU I 79 -51.41 7.59 -18.32
C GLU I 79 -50.92 6.94 -19.61
N GLU I 80 -50.11 7.66 -20.39
CA GLU I 80 -49.61 7.16 -21.66
C GLU I 80 -48.66 5.98 -21.47
N VAL I 81 -47.83 6.06 -20.42
CA VAL I 81 -46.82 5.06 -20.16
C VAL I 81 -47.56 3.76 -19.89
N ARG I 82 -48.57 3.85 -19.02
CA ARG I 82 -49.35 2.70 -18.61
C ARG I 82 -49.96 2.02 -19.83
N THR I 83 -50.37 2.82 -20.82
CA THR I 83 -50.91 2.26 -22.05
C THR I 83 -49.88 1.34 -22.71
N GLU I 84 -48.63 1.78 -22.82
CA GLU I 84 -47.58 1.04 -23.51
C GLU I 84 -47.15 -0.18 -22.70
N VAL I 85 -47.09 -0.03 -21.37
CA VAL I 85 -46.77 -1.15 -20.48
C VAL I 85 -47.81 -2.25 -20.65
N LEU I 86 -49.11 -1.89 -20.60
CA LEU I 86 -50.16 -2.89 -20.58
C LEU I 86 -50.15 -3.71 -21.88
N LYS I 87 -49.77 -3.06 -22.99
CA LYS I 87 -49.64 -3.74 -24.28
C LYS I 87 -48.65 -4.90 -24.20
N CYS I 88 -47.67 -4.81 -23.28
CA CYS I 88 -46.61 -5.81 -23.15
C CYS I 88 -46.84 -6.74 -21.96
N VAL I 89 -47.94 -6.54 -21.22
CA VAL I 89 -48.35 -7.40 -20.14
C VAL I 89 -49.07 -8.62 -20.75
N ASP I 90 -48.71 -9.79 -20.23
CA ASP I 90 -49.29 -11.04 -20.68
C ASP I 90 -49.27 -12.01 -19.52
N LYS I 91 -49.74 -13.23 -19.77
CA LYS I 91 -49.85 -14.25 -18.75
C LYS I 91 -48.67 -15.21 -18.88
N ASN I 92 -48.46 -16.00 -17.82
CA ASN I 92 -47.35 -16.95 -17.77
C ASN I 92 -47.70 -18.24 -18.50
N THR I 93 -47.78 -18.13 -19.84
CA THR I 93 -48.35 -19.18 -20.67
C THR I 93 -47.53 -20.47 -20.67
N ASP I 94 -46.22 -20.39 -20.42
CA ASP I 94 -45.35 -21.57 -20.46
C ASP I 94 -44.77 -21.91 -19.09
N ASN I 95 -45.36 -21.35 -18.03
CA ASN I 95 -44.95 -21.63 -16.65
CA ASN I 95 -44.96 -21.58 -16.65
C ASN I 95 -43.44 -21.50 -16.54
N ASN I 96 -42.89 -20.37 -17.00
CA ASN I 96 -41.48 -20.08 -16.97
C ASN I 96 -41.31 -18.59 -16.64
N ALA I 97 -41.10 -18.29 -15.35
CA ALA I 97 -41.07 -16.93 -14.87
C ALA I 97 -39.94 -16.13 -15.53
N CYS I 98 -38.80 -16.78 -15.79
CA CYS I 98 -37.69 -16.13 -16.48
C CYS I 98 -38.13 -15.69 -17.88
N HIS I 99 -38.79 -16.61 -18.59
CA HIS I 99 -39.32 -16.32 -19.92
C HIS I 99 -40.38 -15.22 -19.84
N TRP I 100 -41.25 -15.27 -18.83
CA TRP I 100 -42.29 -14.27 -18.59
C TRP I 100 -41.68 -12.88 -18.43
N ALA I 101 -40.75 -12.74 -17.49
CA ALA I 101 -40.09 -11.46 -17.27
C ALA I 101 -39.41 -11.00 -18.56
N PHE I 102 -38.76 -11.95 -19.25
CA PHE I 102 -38.03 -11.62 -20.46
C PHE I 102 -38.97 -11.17 -21.58
N ARG I 103 -40.11 -11.84 -21.73
CA ARG I 103 -41.00 -11.57 -22.86
C ARG I 103 -41.54 -10.14 -22.80
N GLY I 104 -41.87 -9.68 -21.59
CA GLY I 104 -42.43 -8.36 -21.39
C GLY I 104 -41.41 -7.26 -21.64
N PHE I 105 -40.18 -7.54 -21.22
CA PHE I 105 -39.07 -6.64 -21.43
C PHE I 105 -38.79 -6.50 -22.93
N LYS I 106 -38.71 -7.64 -23.63
CA LYS I 106 -38.44 -7.62 -25.05
C LYS I 106 -39.54 -6.84 -25.78
N CYS I 107 -40.79 -7.16 -25.44
CA CYS I 107 -41.94 -6.49 -26.05
C CYS I 107 -41.78 -4.97 -25.95
N PHE I 108 -41.40 -4.51 -24.75
CA PHE I 108 -41.34 -3.09 -24.49
C PHE I 108 -40.15 -2.43 -25.18
N GLN I 109 -39.00 -3.12 -25.28
CA GLN I 109 -37.82 -2.50 -25.86
C GLN I 109 -37.90 -2.47 -27.38
N LYS I 110 -38.88 -3.18 -27.98
CA LYS I 110 -39.03 -3.20 -29.42
C LYS I 110 -39.39 -1.81 -29.96
N ASN I 111 -40.02 -0.97 -29.14
CA ASN I 111 -40.35 0.40 -29.51
C ASN I 111 -39.88 1.43 -28.49
N ASN I 112 -39.53 1.03 -27.27
CA ASN I 112 -39.39 2.01 -26.20
C ASN I 112 -38.06 1.87 -25.47
N LEU I 113 -37.00 1.44 -26.18
CA LEU I 113 -35.71 1.24 -25.53
C LEU I 113 -35.21 2.56 -24.94
N SER I 114 -35.36 3.65 -25.69
CA SER I 114 -34.95 4.98 -25.24
C SER I 114 -35.46 5.25 -23.84
N LEU I 115 -36.76 5.03 -23.64
CA LEU I 115 -37.42 5.28 -22.38
C LEU I 115 -36.87 4.38 -21.26
N ILE I 116 -36.52 3.14 -21.58
CA ILE I 116 -35.92 2.25 -20.59
C ILE I 116 -34.57 2.83 -20.16
N LYS I 117 -33.70 3.12 -21.14
CA LYS I 117 -32.39 3.70 -20.87
C LYS I 117 -32.54 4.93 -19.98
N ALA I 118 -33.41 5.85 -20.41
CA ALA I 118 -33.52 7.16 -19.77
C ALA I 118 -34.18 7.05 -18.39
N SER I 119 -34.85 5.92 -18.09
CA SER I 119 -35.50 5.77 -16.79
C SER I 119 -34.49 5.52 -15.69
N ILE I 120 -33.29 5.05 -16.05
CA ILE I 120 -32.24 4.78 -15.08
C ILE I 120 -31.20 5.89 -15.14
N LYS I 121 -30.56 6.05 -16.31
CA LYS I 121 -29.49 7.01 -16.53
C LYS I 121 -30.02 8.22 -17.32
O1 DCR J . 20.14 32.62 7.05
C1 DCR J . 20.65 33.76 7.17
O2 DCR J . 21.41 34.06 8.12
C2 DCR J . 20.33 34.80 6.14
C3 DCR J . 21.57 35.66 5.86
C4 DCR J . 21.44 36.33 4.50
C5 DCR J . 20.33 37.36 4.49
C6 DCR J . 19.10 36.88 3.72
C7 DCR J . 19.06 37.43 2.29
C8 DCR J . 18.52 36.38 1.32
C9 DCR J . 19.66 35.46 0.88
C10 DCR J . 19.15 34.08 0.50
C11 DCR J . 19.30 33.71 -0.98
C12 DCR J . 18.84 34.78 -1.96
C13 DCR J . 17.50 34.48 -2.62
C14 DCR J . 16.35 35.14 -1.87
C15 DCR J . 15.84 36.39 -2.58
C16 DCR J . 15.35 37.40 -1.55
C17 DCR J . 14.35 38.38 -2.14
C18 DCR J . 15.06 39.48 -2.90
C19 DCR J . 14.11 40.38 -3.68
C20 DCR J . 13.70 39.73 -4.99
H2 DCR J . 19.51 35.43 6.49
H2A DCR J . 20.01 34.31 5.22
H3 DCR J . 22.46 35.04 5.89
H3A DCR J . 21.65 36.42 6.65
H4 DCR J . 21.28 35.58 3.73
H4A DCR J . 22.39 36.84 4.27
H5 DCR J . 20.69 38.29 4.04
H5A DCR J . 20.04 37.60 5.51
H6 DCR J . 19.10 35.79 3.69
H6A DCR J . 18.20 37.20 4.25
H7 DCR J . 20.06 37.73 1.98
H7A DCR J . 18.43 38.32 2.27
H8 DCR J . 18.10 36.88 0.45
H8A DCR J . 17.73 35.81 1.80
H9 DCR J . 20.37 35.35 1.70
H9A DCR J . 20.21 35.92 0.05
H10 DCR J . 18.09 33.99 0.77
H10A DCR J . 19.71 33.35 1.08
H11 DCR J . 18.74 32.79 -1.16
H11A DCR J . 20.35 33.47 -1.17
H12 DCR J . 19.60 34.87 -2.73
H12A DCR J . 18.79 35.76 -1.48
H13 DCR J . 17.34 33.40 -2.65
H13A DCR J . 17.52 34.85 -3.64
H14 DCR J . 16.68 35.40 -0.86
H14A DCR J . 15.53 34.42 -1.77
H15 DCR J . 15.04 36.12 -3.26
H15A DCR J . 16.64 36.83 -3.17
H16 DCR J . 16.21 37.95 -1.16
H16A DCR J . 14.89 36.88 -0.71
H17 DCR J . 13.77 38.83 -1.33
H17A DCR J . 13.66 37.86 -2.80
H18 DCR J . 15.79 39.05 -3.59
H18A DCR J . 15.61 40.11 -2.20
H19 DCR J . 14.59 41.34 -3.89
H19A DCR J . 13.21 40.56 -3.08
H20 DCR J . 12.66 39.91 -5.16
H20A DCR J . 13.88 38.69 -4.95
H20B DCR J . 14.26 40.16 -5.77
S DMS K . -5.32 23.33 -5.69
O DMS K . -4.82 24.75 -5.82
C1 DMS K . -4.50 22.60 -4.29
C2 DMS K . -6.97 23.40 -5.03
H11 DMS K . -3.58 22.40 -4.52
H12 DMS K . -4.97 21.79 -4.04
H13 DMS K . -4.52 23.23 -3.55
H21 DMS K . -7.05 24.17 -4.45
H22 DMS K . -7.16 22.60 -4.55
H23 DMS K . -7.60 23.49 -5.76
O1 DCR L . 1.12 -24.57 24.67
C1 DCR L . 1.15 -23.81 25.65
O2 DCR L . 0.49 -24.02 26.70
C2 DCR L . 2.02 -22.58 25.60
C3 DCR L . 3.17 -22.73 26.59
C4 DCR L . 4.30 -21.74 26.34
C5 DCR L . 5.13 -21.52 27.61
C6 DCR L . 6.63 -21.48 27.36
C7 DCR L . 7.31 -22.77 27.81
C8 DCR L . 8.76 -22.82 27.34
C9 DCR L . 8.88 -23.29 25.89
C10 DCR L . 9.56 -22.28 24.98
C11 DCR L . 10.52 -22.92 23.98
C12 DCR L . 11.97 -22.58 24.34
C13 DCR L . 12.96 -23.20 23.37
C14 DCR L . 14.19 -22.33 23.22
C15 DCR L . 15.04 -22.29 24.50
C16 DCR L . 15.35 -20.90 25.03
C17 DCR L . 16.85 -20.65 25.15
C18 DCR L . 17.33 -20.60 26.59
C19 DCR L . 18.85 -20.45 26.64
C20 DCR L . 19.41 -20.77 28.01
H2 DCR L . 1.43 -21.70 25.86
H2A DCR L . 2.41 -22.44 24.59
H3 DCR L . 2.77 -22.59 27.60
H3A DCR L . 3.55 -23.75 26.55
H4 DCR L . 3.89 -20.79 26.00
H4A DCR L . 4.94 -22.13 25.54
H5 DCR L . 4.91 -22.33 28.32
H5A DCR L . 4.82 -20.59 28.08
H6 DCR L . 7.07 -20.64 27.91
H6A DCR L . 6.83 -21.31 26.31
H7 DCR L . 7.29 -22.83 28.91
H7A DCR L . 6.77 -23.63 27.43
H8 DCR L . 9.32 -23.50 27.98
H8A DCR L . 9.20 -21.83 27.45
H9 DCR L . 7.88 -23.50 25.50
H9A DCR L . 9.42 -24.23 25.88
H10 DCR L . 10.11 -21.55 25.59
H10A DCR L . 8.80 -21.72 24.43
H11 DCR L . 10.30 -22.56 22.97
H11A DCR L . 10.39 -24.01 23.97
H12 DCR L . 12.18 -22.95 25.34
H12A DCR L . 12.10 -21.51 24.36
H13 DCR L . 12.48 -23.32 22.39
H13A DCR L . 13.25 -24.20 23.72
H14 DCR L . 13.88 -21.32 22.96
H14A DCR L . 14.80 -22.71 22.40
H15 DCR L . 15.96 -22.83 24.28
H15A DCR L . 14.53 -22.86 25.28
H16 DCR L . 14.89 -20.78 26.01
H16A DCR L . 14.93 -20.14 24.38
H17 DCR L . 17.09 -19.68 24.69
H17A DCR L . 17.42 -21.41 24.61
H18 DCR L . 17.04 -21.53 27.10
H18A DCR L . 16.86 -19.77 27.12
H19 DCR L . 19.11 -19.42 26.39
H19A DCR L . 19.31 -21.10 25.90
H20 DCR L . 19.30 -19.94 28.65
H20A DCR L . 20.44 -21.02 27.91
H20B DCR L . 18.89 -21.60 28.42
O1 DCR M . -26.96 -3.40 -19.07
C1 DCR M . -27.69 -4.29 -18.60
O2 DCR M . -27.32 -5.18 -17.80
C2 DCR M . -29.11 -4.30 -19.07
C3 DCR M . -30.10 -4.24 -17.93
C4 DCR M . -31.48 -4.44 -18.55
C5 DCR M . -32.59 -4.20 -17.54
C6 DCR M . -32.91 -2.71 -17.47
C7 DCR M . -33.67 -2.46 -16.18
C8 DCR M . -34.07 -0.99 -16.09
C9 DCR M . -35.39 -0.79 -15.35
C10 DCR M . -36.52 -0.42 -16.29
C11 DCR M . -37.16 -1.66 -16.87
C12 DCR M . -38.23 -1.25 -17.89
C13 DCR M . -39.58 -1.80 -17.55
C14 DCR M . -40.03 -2.95 -18.47
C15 DCR M . -41.04 -2.49 -19.51
C16 DCR M . -42.44 -3.04 -19.29
C17 DCR M . -42.45 -4.55 -19.37
C18 DCR M . -43.75 -5.10 -19.93
C19 DCR M . -44.52 -5.88 -18.89
C20 DCR M . -45.40 -4.85 -18.21
H2 DCR M . -29.27 -5.22 -19.62
H2A DCR M . -29.29 -3.46 -19.76
H3 DCR M . -30.03 -3.28 -17.42
H3A DCR M . -29.90 -5.04 -17.20
H4 DCR M . -31.56 -5.45 -18.93
H4A DCR M . -31.60 -3.75 -19.39
H5 DCR M . -32.27 -4.55 -16.57
H5A DCR M . -33.48 -4.75 -17.85
H6 DCR M . -33.52 -2.43 -18.33
H6A DCR M . -32.00 -2.12 -17.48
H7 DCR M . -33.03 -2.71 -15.32
H7A DCR M . -34.55 -3.09 -16.14
H8 DCR M . -34.15 -0.58 -17.10
H8A DCR M . -33.29 -0.47 -15.56
H9 DCR M . -35.27 -0.01 -14.60
H9A DCR M . -35.67 -1.72 -14.83
H10 DCR M . -36.15 0.22 -17.08
H10A DCR M . -37.27 0.14 -15.74
H11 DCR M . -37.59 -2.26 -16.07
H11A DCR M . -36.39 -2.26 -17.37
H12 DCR M . -37.92 -1.59 -18.88
H12A DCR M . -38.29 -0.16 -17.92
H13 DCR M . -40.32 -1.00 -17.57
H13A DCR M . -39.56 -2.17 -16.52
H14 DCR M . -40.46 -3.74 -17.86
H14A DCR M . -39.16 -3.36 -18.98
H15 DCR M . -40.68 -2.83 -20.47
H15A DCR M . -41.07 -1.40 -19.55
H16 DCR M . -43.10 -2.62 -20.06
H16A DCR M . -42.83 -2.71 -18.32
H17 DCR M . -42.29 -4.95 -18.36
H17A DCR M . -41.61 -4.89 -19.98
H18 DCR M . -43.54 -5.76 -20.78
H18A DCR M . -44.37 -4.28 -20.32
H19 DCR M . -43.85 -6.35 -18.17
H19A DCR M . -45.13 -6.64 -19.37
H20 DCR M . -45.84 -5.26 -17.35
H20A DCR M . -46.13 -4.53 -18.89
H20B DCR M . -44.80 -4.02 -17.94
#